data_5NV1
# 
_entry.id   5NV1 
# 
_audit_conform.dict_name       mmcif_pdbx.dic 
_audit_conform.dict_version    5.383 
_audit_conform.dict_location   http://mmcif.pdb.org/dictionaries/ascii/mmcif_pdbx.dic 
# 
loop_
_database_2.database_id 
_database_2.database_code 
_database_2.pdbx_database_accession 
_database_2.pdbx_DOI 
PDB   5NV1         pdb_00005nv1 10.2210/pdb5nv1/pdb 
WWPDB D_1200004772 ?            ?                   
# 
loop_
_pdbx_audit_revision_history.ordinal 
_pdbx_audit_revision_history.data_content_type 
_pdbx_audit_revision_history.major_revision 
_pdbx_audit_revision_history.minor_revision 
_pdbx_audit_revision_history.revision_date 
1 'Structure model' 1 0 2018-08-15 
2 'Structure model' 1 1 2024-01-17 
# 
_pdbx_audit_revision_details.ordinal             1 
_pdbx_audit_revision_details.revision_ordinal    1 
_pdbx_audit_revision_details.data_content_type   'Structure model' 
_pdbx_audit_revision_details.provider            repository 
_pdbx_audit_revision_details.type                'Initial release' 
_pdbx_audit_revision_details.description         ? 
_pdbx_audit_revision_details.details             ? 
# 
loop_
_pdbx_audit_revision_group.ordinal 
_pdbx_audit_revision_group.revision_ordinal 
_pdbx_audit_revision_group.data_content_type 
_pdbx_audit_revision_group.group 
1 2 'Structure model' 'Data collection'        
2 2 'Structure model' 'Database references'    
3 2 'Structure model' 'Derived calculations'   
4 2 'Structure model' 'Refinement description' 
# 
loop_
_pdbx_audit_revision_category.ordinal 
_pdbx_audit_revision_category.revision_ordinal 
_pdbx_audit_revision_category.data_content_type 
_pdbx_audit_revision_category.category 
1 2 'Structure model' chem_comp_atom                
2 2 'Structure model' chem_comp_bond                
3 2 'Structure model' database_2                    
4 2 'Structure model' pdbx_initial_refinement_model 
5 2 'Structure model' pdbx_struct_conn_angle        
6 2 'Structure model' struct_conn                   
# 
loop_
_pdbx_audit_revision_item.ordinal 
_pdbx_audit_revision_item.revision_ordinal 
_pdbx_audit_revision_item.data_content_type 
_pdbx_audit_revision_item.item 
1 2 'Structure model' '_database_2.pdbx_DOI'                      
2 2 'Structure model' '_database_2.pdbx_database_accession'       
3 2 'Structure model' '_pdbx_struct_conn_angle.ptnr1_auth_seq_id' 
4 2 'Structure model' '_pdbx_struct_conn_angle.ptnr3_auth_seq_id' 
5 2 'Structure model' '_pdbx_struct_conn_angle.value'             
6 2 'Structure model' '_struct_conn.pdbx_dist_value'              
7 2 'Structure model' '_struct_conn.ptnr2_auth_seq_id'            
# 
_pdbx_database_status.status_code                     REL 
_pdbx_database_status.status_code_sf                  REL 
_pdbx_database_status.status_code_mr                  ? 
_pdbx_database_status.entry_id                        5NV1 
_pdbx_database_status.recvd_initial_deposition_date   2017-05-03 
_pdbx_database_status.SG_entry                        N 
_pdbx_database_status.deposit_site                    PDBE 
_pdbx_database_status.process_site                    PDBE 
_pdbx_database_status.status_code_cs                  ? 
_pdbx_database_status.methods_development_category    ? 
_pdbx_database_status.pdb_format_compatible           Y 
_pdbx_database_status.status_code_nmr_data            ? 
# 
loop_
_audit_author.name 
_audit_author.pdbx_ordinal 
_audit_author.identifier_ORCID 
'Twafra, S.' 1 ? 
'Dessau, M.' 2 ? 
# 
_citation.abstract                  ? 
_citation.abstract_id_CAS           ? 
_citation.book_id_ISBN              ? 
_citation.book_publisher            ? 
_citation.book_publisher_city       ? 
_citation.book_title                ? 
_citation.coordinate_linkage        ? 
_citation.country                   ? 
_citation.database_id_Medline       ? 
_citation.details                   ? 
_citation.id                        primary 
_citation.journal_abbrev            'To Be Published' 
_citation.journal_id_ASTM           ? 
_citation.journal_id_CSD            0353 
_citation.journal_id_ISSN           ? 
_citation.journal_full              ? 
_citation.journal_issue             ? 
_citation.journal_volume            ? 
_citation.language                  ? 
_citation.page_first                ? 
_citation.page_last                 ? 
_citation.title                     'SH3 domain from Mouse cortactin (C 2 2 21 crystal form)' 
_citation.year                      ? 
_citation.database_id_CSD           ? 
_citation.pdbx_database_id_DOI      ? 
_citation.pdbx_database_id_PubMed   ? 
_citation.unpublished_flag          ? 
# 
loop_
_citation_author.citation_id 
_citation_author.name 
_citation_author.ordinal 
_citation_author.identifier_ORCID 
primary 'Twafra, S.'   1 ? 
primary 'Gil-Henn, H.' 2 ? 
primary 'Dessau, M.'   3 ? 
# 
loop_
_entity.id 
_entity.type 
_entity.src_method 
_entity.pdbx_description 
_entity.formula_weight 
_entity.pdbx_number_of_molecules 
_entity.pdbx_ec 
_entity.pdbx_mutation 
_entity.pdbx_fragment 
_entity.details 
1 polymer     man 'Src substrate cortactin'              6802.532 1  ? ? ? ? 
2 non-polymer syn '2-(N-MORPHOLINO)-ETHANESULFONIC ACID' 195.237  1  ? ? ? ? 
3 non-polymer syn GLYCEROL                               92.094   1  ? ? ? ? 
4 non-polymer syn 'MAGNESIUM ION'                        24.305   1  ? ? ? ? 
5 water       nat water                                  18.015   67 ? ? ? ? 
# 
_entity_poly.entity_id                      1 
_entity_poly.type                           'polypeptide(L)' 
_entity_poly.nstd_linkage                   no 
_entity_poly.nstd_monomer                   no 
_entity_poly.pdbx_seq_one_letter_code       GHMGITAIALYDYQAAGDDEISFDPDDIITNIEMIDDGWWRGVCKGRYGLFPANYVELRQ 
_entity_poly.pdbx_seq_one_letter_code_can   GHMGITAIALYDYQAAGDDEISFDPDDIITNIEMIDDGWWRGVCKGRYGLFPANYVELRQ 
_entity_poly.pdbx_strand_id                 A 
_entity_poly.pdbx_target_identifier         ? 
# 
loop_
_pdbx_entity_nonpoly.entity_id 
_pdbx_entity_nonpoly.name 
_pdbx_entity_nonpoly.comp_id 
2 '2-(N-MORPHOLINO)-ETHANESULFONIC ACID' MES 
3 GLYCEROL                               GOL 
4 'MAGNESIUM ION'                        MG  
5 water                                  HOH 
# 
loop_
_entity_poly_seq.entity_id 
_entity_poly_seq.num 
_entity_poly_seq.mon_id 
_entity_poly_seq.hetero 
1 1  GLY n 
1 2  HIS n 
1 3  MET n 
1 4  GLY n 
1 5  ILE n 
1 6  THR n 
1 7  ALA n 
1 8  ILE n 
1 9  ALA n 
1 10 LEU n 
1 11 TYR n 
1 12 ASP n 
1 13 TYR n 
1 14 GLN n 
1 15 ALA n 
1 16 ALA n 
1 17 GLY n 
1 18 ASP n 
1 19 ASP n 
1 20 GLU n 
1 21 ILE n 
1 22 SER n 
1 23 PHE n 
1 24 ASP n 
1 25 PRO n 
1 26 ASP n 
1 27 ASP n 
1 28 ILE n 
1 29 ILE n 
1 30 THR n 
1 31 ASN n 
1 32 ILE n 
1 33 GLU n 
1 34 MET n 
1 35 ILE n 
1 36 ASP n 
1 37 ASP n 
1 38 GLY n 
1 39 TRP n 
1 40 TRP n 
1 41 ARG n 
1 42 GLY n 
1 43 VAL n 
1 44 CYS n 
1 45 LYS n 
1 46 GLY n 
1 47 ARG n 
1 48 TYR n 
1 49 GLY n 
1 50 LEU n 
1 51 PHE n 
1 52 PRO n 
1 53 ALA n 
1 54 ASN n 
1 55 TYR n 
1 56 VAL n 
1 57 GLU n 
1 58 LEU n 
1 59 ARG n 
1 60 GLN n 
# 
_entity_src_gen.entity_id                          1 
_entity_src_gen.pdbx_src_id                        1 
_entity_src_gen.pdbx_alt_source_flag               sample 
_entity_src_gen.pdbx_seq_type                      'Biological sequence' 
_entity_src_gen.pdbx_beg_seq_num                   1 
_entity_src_gen.pdbx_end_seq_num                   60 
_entity_src_gen.gene_src_common_name               'house mouse' 
_entity_src_gen.gene_src_genus                     ? 
_entity_src_gen.pdbx_gene_src_gene                 'Cttn, Ems1' 
_entity_src_gen.gene_src_species                   ? 
_entity_src_gen.gene_src_strain                    ? 
_entity_src_gen.gene_src_tissue                    ? 
_entity_src_gen.gene_src_tissue_fraction           ? 
_entity_src_gen.gene_src_details                   ? 
_entity_src_gen.pdbx_gene_src_fragment             ? 
_entity_src_gen.pdbx_gene_src_scientific_name      'Mus musculus' 
_entity_src_gen.pdbx_gene_src_ncbi_taxonomy_id     10090 
_entity_src_gen.pdbx_gene_src_variant              ? 
_entity_src_gen.pdbx_gene_src_cell_line            ? 
_entity_src_gen.pdbx_gene_src_atcc                 ? 
_entity_src_gen.pdbx_gene_src_organ                ? 
_entity_src_gen.pdbx_gene_src_organelle            ? 
_entity_src_gen.pdbx_gene_src_cell                 ? 
_entity_src_gen.pdbx_gene_src_cellular_location    ? 
_entity_src_gen.host_org_common_name               ? 
_entity_src_gen.pdbx_host_org_scientific_name      'Escherichia coli BL21(DE3)' 
_entity_src_gen.pdbx_host_org_ncbi_taxonomy_id     469008 
_entity_src_gen.host_org_genus                     ? 
_entity_src_gen.pdbx_host_org_gene                 ? 
_entity_src_gen.pdbx_host_org_organ                ? 
_entity_src_gen.host_org_species                   ? 
_entity_src_gen.pdbx_host_org_tissue               ? 
_entity_src_gen.pdbx_host_org_tissue_fraction      ? 
_entity_src_gen.pdbx_host_org_strain               ? 
_entity_src_gen.pdbx_host_org_variant              Rosetta 
_entity_src_gen.pdbx_host_org_cell_line            ? 
_entity_src_gen.pdbx_host_org_atcc                 ? 
_entity_src_gen.pdbx_host_org_culture_collection   ? 
_entity_src_gen.pdbx_host_org_cell                 ? 
_entity_src_gen.pdbx_host_org_organelle            ? 
_entity_src_gen.pdbx_host_org_cellular_location    ? 
_entity_src_gen.pdbx_host_org_vector_type          ? 
_entity_src_gen.pdbx_host_org_vector               ? 
_entity_src_gen.host_org_details                   ? 
_entity_src_gen.expression_system_id               ? 
_entity_src_gen.plasmid_name                       ? 
_entity_src_gen.plasmid_details                    ? 
_entity_src_gen.pdbx_description                   ? 
# 
loop_
_chem_comp.id 
_chem_comp.type 
_chem_comp.mon_nstd_flag 
_chem_comp.name 
_chem_comp.pdbx_synonyms 
_chem_comp.formula 
_chem_comp.formula_weight 
ALA 'L-peptide linking' y ALANINE                                ?                               'C3 H7 N O2'     89.093  
ARG 'L-peptide linking' y ARGININE                               ?                               'C6 H15 N4 O2 1' 175.209 
ASN 'L-peptide linking' y ASPARAGINE                             ?                               'C4 H8 N2 O3'    132.118 
ASP 'L-peptide linking' y 'ASPARTIC ACID'                        ?                               'C4 H7 N O4'     133.103 
CYS 'L-peptide linking' y CYSTEINE                               ?                               'C3 H7 N O2 S'   121.158 
GLN 'L-peptide linking' y GLUTAMINE                              ?                               'C5 H10 N2 O3'   146.144 
GLU 'L-peptide linking' y 'GLUTAMIC ACID'                        ?                               'C5 H9 N O4'     147.129 
GLY 'peptide linking'   y GLYCINE                                ?                               'C2 H5 N O2'     75.067  
GOL non-polymer         . GLYCEROL                               'GLYCERIN; PROPANE-1,2,3-TRIOL' 'C3 H8 O3'       92.094  
HIS 'L-peptide linking' y HISTIDINE                              ?                               'C6 H10 N3 O2 1' 156.162 
HOH non-polymer         . WATER                                  ?                               'H2 O'           18.015  
ILE 'L-peptide linking' y ISOLEUCINE                             ?                               'C6 H13 N O2'    131.173 
LEU 'L-peptide linking' y LEUCINE                                ?                               'C6 H13 N O2'    131.173 
LYS 'L-peptide linking' y LYSINE                                 ?                               'C6 H15 N2 O2 1' 147.195 
MES non-polymer         . '2-(N-MORPHOLINO)-ETHANESULFONIC ACID' ?                               'C6 H13 N O4 S'  195.237 
MET 'L-peptide linking' y METHIONINE                             ?                               'C5 H11 N O2 S'  149.211 
MG  non-polymer         . 'MAGNESIUM ION'                        ?                               'Mg 2'           24.305  
PHE 'L-peptide linking' y PHENYLALANINE                          ?                               'C9 H11 N O2'    165.189 
PRO 'L-peptide linking' y PROLINE                                ?                               'C5 H9 N O2'     115.130 
SER 'L-peptide linking' y SERINE                                 ?                               'C3 H7 N O3'     105.093 
THR 'L-peptide linking' y THREONINE                              ?                               'C4 H9 N O3'     119.119 
TRP 'L-peptide linking' y TRYPTOPHAN                             ?                               'C11 H12 N2 O2'  204.225 
TYR 'L-peptide linking' y TYROSINE                               ?                               'C9 H11 N O3'    181.189 
VAL 'L-peptide linking' y VALINE                                 ?                               'C5 H11 N O2'    117.146 
# 
loop_
_pdbx_poly_seq_scheme.asym_id 
_pdbx_poly_seq_scheme.entity_id 
_pdbx_poly_seq_scheme.seq_id 
_pdbx_poly_seq_scheme.mon_id 
_pdbx_poly_seq_scheme.ndb_seq_num 
_pdbx_poly_seq_scheme.pdb_seq_num 
_pdbx_poly_seq_scheme.auth_seq_num 
_pdbx_poly_seq_scheme.pdb_mon_id 
_pdbx_poly_seq_scheme.auth_mon_id 
_pdbx_poly_seq_scheme.pdb_strand_id 
_pdbx_poly_seq_scheme.pdb_ins_code 
_pdbx_poly_seq_scheme.hetero 
A 1 1  GLY 1  2  2  GLY GLY A . n 
A 1 2  HIS 2  3  3  HIS HIS A . n 
A 1 3  MET 3  4  4  MET MET A . n 
A 1 4  GLY 4  5  5  GLY GLY A . n 
A 1 5  ILE 5  6  6  ILE ILE A . n 
A 1 6  THR 6  7  7  THR THR A . n 
A 1 7  ALA 7  8  8  ALA ALA A . n 
A 1 8  ILE 8  9  9  ILE ILE A . n 
A 1 9  ALA 9  10 10 ALA ALA A . n 
A 1 10 LEU 10 11 11 LEU LEU A . n 
A 1 11 TYR 11 12 12 TYR TYR A . n 
A 1 12 ASP 12 13 13 ASP ASP A . n 
A 1 13 TYR 13 14 14 TYR TYR A . n 
A 1 14 GLN 14 15 15 GLN GLN A . n 
A 1 15 ALA 15 16 16 ALA ALA A . n 
A 1 16 ALA 16 17 17 ALA ALA A . n 
A 1 17 GLY 17 18 18 GLY GLY A . n 
A 1 18 ASP 18 19 19 ASP ASP A . n 
A 1 19 ASP 19 20 20 ASP ASP A . n 
A 1 20 GLU 20 21 21 GLU GLU A . n 
A 1 21 ILE 21 22 22 ILE ILE A . n 
A 1 22 SER 22 23 23 SER SER A . n 
A 1 23 PHE 23 24 24 PHE PHE A . n 
A 1 24 ASP 24 25 25 ASP ASP A . n 
A 1 25 PRO 25 26 26 PRO PRO A . n 
A 1 26 ASP 26 27 27 ASP ASP A . n 
A 1 27 ASP 27 28 28 ASP ASP A . n 
A 1 28 ILE 28 29 29 ILE ILE A . n 
A 1 29 ILE 29 30 30 ILE ILE A . n 
A 1 30 THR 30 31 31 THR THR A . n 
A 1 31 ASN 31 32 32 ASN ASN A . n 
A 1 32 ILE 32 33 33 ILE ILE A . n 
A 1 33 GLU 33 34 34 GLU GLU A . n 
A 1 34 MET 34 35 35 MET MET A . n 
A 1 35 ILE 35 36 36 ILE ILE A . n 
A 1 36 ASP 36 37 37 ASP ASP A . n 
A 1 37 ASP 37 38 38 ASP ASP A . n 
A 1 38 GLY 38 39 39 GLY GLY A . n 
A 1 39 TRP 39 40 40 TRP TRP A . n 
A 1 40 TRP 40 41 41 TRP TRP A . n 
A 1 41 ARG 41 42 42 ARG ARG A . n 
A 1 42 GLY 42 43 43 GLY GLY A . n 
A 1 43 VAL 43 44 44 VAL VAL A . n 
A 1 44 CYS 44 45 45 CYS CYS A . n 
A 1 45 LYS 45 46 46 LYS LYS A . n 
A 1 46 GLY 46 47 47 GLY GLY A . n 
A 1 47 ARG 47 48 48 ARG ARG A . n 
A 1 48 TYR 48 49 49 TYR TYR A . n 
A 1 49 GLY 49 50 50 GLY GLY A . n 
A 1 50 LEU 50 51 51 LEU LEU A . n 
A 1 51 PHE 51 52 52 PHE PHE A . n 
A 1 52 PRO 52 53 53 PRO PRO A . n 
A 1 53 ALA 53 54 54 ALA ALA A . n 
A 1 54 ASN 54 55 55 ASN ASN A . n 
A 1 55 TYR 55 56 56 TYR TYR A . n 
A 1 56 VAL 56 57 57 VAL VAL A . n 
A 1 57 GLU 57 58 58 GLU GLU A . n 
A 1 58 LEU 58 59 59 LEU LEU A . n 
A 1 59 ARG 59 60 60 ARG ARG A . n 
A 1 60 GLN 60 61 61 GLN GLN A . n 
# 
loop_
_pdbx_nonpoly_scheme.asym_id 
_pdbx_nonpoly_scheme.entity_id 
_pdbx_nonpoly_scheme.mon_id 
_pdbx_nonpoly_scheme.ndb_seq_num 
_pdbx_nonpoly_scheme.pdb_seq_num 
_pdbx_nonpoly_scheme.auth_seq_num 
_pdbx_nonpoly_scheme.pdb_mon_id 
_pdbx_nonpoly_scheme.auth_mon_id 
_pdbx_nonpoly_scheme.pdb_strand_id 
_pdbx_nonpoly_scheme.pdb_ins_code 
B 2 MES 1  101 1  MES MES A . 
C 3 GOL 1  102 1  GOL GOL A . 
D 4 MG  1  103 1  MG  MG  A . 
E 5 HOH 1  201 66 HOH HOH A . 
E 5 HOH 2  202 9  HOH HOH A . 
E 5 HOH 3  203 63 HOH HOH A . 
E 5 HOH 4  204 37 HOH HOH A . 
E 5 HOH 5  205 50 HOH HOH A . 
E 5 HOH 6  206 22 HOH HOH A . 
E 5 HOH 7  207 16 HOH HOH A . 
E 5 HOH 8  208 53 HOH HOH A . 
E 5 HOH 9  209 27 HOH HOH A . 
E 5 HOH 10 210 39 HOH HOH A . 
E 5 HOH 11 211 36 HOH HOH A . 
E 5 HOH 12 212 32 HOH HOH A . 
E 5 HOH 13 213 64 HOH HOH A . 
E 5 HOH 14 214 3  HOH HOH A . 
E 5 HOH 15 215 4  HOH HOH A . 
E 5 HOH 16 216 18 HOH HOH A . 
E 5 HOH 17 217 60 HOH HOH A . 
E 5 HOH 18 218 14 HOH HOH A . 
E 5 HOH 19 219 11 HOH HOH A . 
E 5 HOH 20 220 30 HOH HOH A . 
E 5 HOH 21 221 15 HOH HOH A . 
E 5 HOH 22 222 5  HOH HOH A . 
E 5 HOH 23 223 12 HOH HOH A . 
E 5 HOH 24 224 51 HOH HOH A . 
E 5 HOH 25 225 23 HOH HOH A . 
E 5 HOH 26 226 33 HOH HOH A . 
E 5 HOH 27 227 26 HOH HOH A . 
E 5 HOH 28 228 20 HOH HOH A . 
E 5 HOH 29 229 21 HOH HOH A . 
E 5 HOH 30 230 24 HOH HOH A . 
E 5 HOH 31 231 1  HOH HOH A . 
E 5 HOH 32 232 61 HOH HOH A . 
E 5 HOH 33 233 13 HOH HOH A . 
E 5 HOH 34 234 43 HOH HOH A . 
E 5 HOH 35 235 44 HOH HOH A . 
E 5 HOH 36 236 7  HOH HOH A . 
E 5 HOH 37 237 54 HOH HOH A . 
E 5 HOH 38 238 59 HOH HOH A . 
E 5 HOH 39 239 17 HOH HOH A . 
E 5 HOH 40 240 65 HOH HOH A . 
E 5 HOH 41 241 40 HOH HOH A . 
E 5 HOH 42 242 48 HOH HOH A . 
E 5 HOH 43 243 46 HOH HOH A . 
E 5 HOH 44 244 2  HOH HOH A . 
E 5 HOH 45 245 6  HOH HOH A . 
E 5 HOH 46 246 8  HOH HOH A . 
E 5 HOH 47 247 10 HOH HOH A . 
E 5 HOH 48 248 56 HOH HOH A . 
E 5 HOH 49 249 19 HOH HOH A . 
E 5 HOH 50 250 34 HOH HOH A . 
E 5 HOH 51 251 28 HOH HOH A . 
E 5 HOH 52 252 62 HOH HOH A . 
E 5 HOH 53 253 31 HOH HOH A . 
E 5 HOH 54 254 55 HOH HOH A . 
E 5 HOH 55 255 41 HOH HOH A . 
E 5 HOH 56 256 57 HOH HOH A . 
E 5 HOH 57 257 45 HOH HOH A . 
E 5 HOH 58 258 29 HOH HOH A . 
E 5 HOH 59 259 67 HOH HOH A . 
E 5 HOH 60 260 38 HOH HOH A . 
E 5 HOH 61 261 58 HOH HOH A . 
E 5 HOH 62 262 52 HOH HOH A . 
E 5 HOH 63 263 49 HOH HOH A . 
E 5 HOH 64 264 35 HOH HOH A . 
E 5 HOH 65 265 25 HOH HOH A . 
E 5 HOH 66 266 47 HOH HOH A . 
E 5 HOH 67 267 42 HOH HOH A . 
# 
loop_
_software.citation_id 
_software.classification 
_software.compiler_name 
_software.compiler_version 
_software.contact_author 
_software.contact_author_email 
_software.date 
_software.description 
_software.dependencies 
_software.hardware 
_software.language 
_software.location 
_software.mods 
_software.name 
_software.os 
_software.os_version 
_software.type 
_software.version 
_software.pdbx_ordinal 
? 'data scaling'    ? ? ? ? ? ? ? ? ? ? ? SCALA       ? ? ? .    1 
? refinement        ? ? ? ? ? ? ? ? ? ? ? PHENIX      ? ? ? .    2 
? 'data extraction' ? ? ? ? ? ? ? ? ? ? ? PDB_EXTRACT ? ? ? 3.22 3 
? 'data reduction'  ? ? ? ? ? ? ? ? ? ? ? XDS         ? ? ? .    4 
? phasing           ? ? ? ? ? ? ? ? ? ? ? PHASER      ? ? ? .    5 
# 
_cell.angle_alpha                  90.000 
_cell.angle_alpha_esd              ? 
_cell.angle_beta                   90.000 
_cell.angle_beta_esd               ? 
_cell.angle_gamma                  90.000 
_cell.angle_gamma_esd              ? 
_cell.entry_id                     5NV1 
_cell.details                      ? 
_cell.formula_units_Z              ? 
_cell.length_a                     41.360 
_cell.length_a_esd                 ? 
_cell.length_b                     55.950 
_cell.length_b_esd                 ? 
_cell.length_c                     50.200 
_cell.length_c_esd                 ? 
_cell.volume                       ? 
_cell.volume_esd                   ? 
_cell.Z_PDB                        8 
_cell.reciprocal_angle_alpha       ? 
_cell.reciprocal_angle_beta        ? 
_cell.reciprocal_angle_gamma       ? 
_cell.reciprocal_angle_alpha_esd   ? 
_cell.reciprocal_angle_beta_esd    ? 
_cell.reciprocal_angle_gamma_esd   ? 
_cell.reciprocal_length_a          ? 
_cell.reciprocal_length_b          ? 
_cell.reciprocal_length_c          ? 
_cell.reciprocal_length_a_esd      ? 
_cell.reciprocal_length_b_esd      ? 
_cell.reciprocal_length_c_esd      ? 
_cell.pdbx_unique_axis             ? 
# 
_symmetry.entry_id                         5NV1 
_symmetry.cell_setting                     ? 
_symmetry.Int_Tables_number                20 
_symmetry.space_group_name_Hall            ? 
_symmetry.space_group_name_H-M             'C 2 2 21' 
_symmetry.pdbx_full_space_group_name_H-M   ? 
# 
_exptl.absorpt_coefficient_mu     ? 
_exptl.absorpt_correction_T_max   ? 
_exptl.absorpt_correction_T_min   ? 
_exptl.absorpt_correction_type    ? 
_exptl.absorpt_process_details    ? 
_exptl.entry_id                   5NV1 
_exptl.crystals_number            1 
_exptl.details                    ? 
_exptl.method                     'X-RAY DIFFRACTION' 
_exptl.method_details             ? 
# 
_exptl_crystal.colour                      ? 
_exptl_crystal.density_diffrn              ? 
_exptl_crystal.density_Matthews            2.13 
_exptl_crystal.density_method              ? 
_exptl_crystal.density_percent_sol         42.38 
_exptl_crystal.description                 ? 
_exptl_crystal.F_000                       ? 
_exptl_crystal.id                          1 
_exptl_crystal.preparation                 ? 
_exptl_crystal.size_max                    ? 
_exptl_crystal.size_mid                    ? 
_exptl_crystal.size_min                    ? 
_exptl_crystal.size_rad                    ? 
_exptl_crystal.colour_lustre               ? 
_exptl_crystal.colour_modifier             ? 
_exptl_crystal.colour_primary              ? 
_exptl_crystal.density_meas                ? 
_exptl_crystal.density_meas_esd            ? 
_exptl_crystal.density_meas_gt             ? 
_exptl_crystal.density_meas_lt             ? 
_exptl_crystal.density_meas_temp           ? 
_exptl_crystal.density_meas_temp_esd       ? 
_exptl_crystal.density_meas_temp_gt        ? 
_exptl_crystal.density_meas_temp_lt        ? 
_exptl_crystal.pdbx_crystal_image_url      ? 
_exptl_crystal.pdbx_crystal_image_format   ? 
_exptl_crystal.pdbx_mosaicity              ? 
_exptl_crystal.pdbx_mosaicity_esd          ? 
# 
_exptl_crystal_grow.apparatus       ? 
_exptl_crystal_grow.atmosphere      ? 
_exptl_crystal_grow.crystal_id      1 
_exptl_crystal_grow.details         ? 
_exptl_crystal_grow.method          'VAPOR DIFFUSION, HANGING DROP' 
_exptl_crystal_grow.method_ref      ? 
_exptl_crystal_grow.pH              6.5 
_exptl_crystal_grow.pressure        ? 
_exptl_crystal_grow.pressure_esd    ? 
_exptl_crystal_grow.seeding         ? 
_exptl_crystal_grow.seeding_ref     ? 
_exptl_crystal_grow.temp            289 
_exptl_crystal_grow.temp_details    ? 
_exptl_crystal_grow.temp_esd        ? 
_exptl_crystal_grow.time            ? 
_exptl_crystal_grow.pdbx_details    '1.6 M Mg-sulfate, 0.1 M MES pH 6.5' 
_exptl_crystal_grow.pdbx_pH_range   ? 
# 
_diffrn.ambient_environment    ? 
_diffrn.ambient_temp           100 
_diffrn.ambient_temp_details   ? 
_diffrn.ambient_temp_esd       ? 
_diffrn.crystal_id             1 
_diffrn.crystal_support        ? 
_diffrn.crystal_treatment      ? 
_diffrn.details                ? 
_diffrn.id                     1 
_diffrn.ambient_pressure       ? 
_diffrn.ambient_pressure_esd   ? 
_diffrn.ambient_pressure_gt    ? 
_diffrn.ambient_pressure_lt    ? 
_diffrn.ambient_temp_gt        ? 
_diffrn.ambient_temp_lt        ? 
# 
_diffrn_detector.details                      ? 
_diffrn_detector.detector                     PIXEL 
_diffrn_detector.diffrn_id                    1 
_diffrn_detector.type                         'DECTRIS PILATUS 6M' 
_diffrn_detector.area_resol_mean              ? 
_diffrn_detector.dtime                        ? 
_diffrn_detector.pdbx_frames_total            ? 
_diffrn_detector.pdbx_collection_time_total   ? 
_diffrn_detector.pdbx_collection_date         2015-11-27 
# 
_diffrn_radiation.collimation                      ? 
_diffrn_radiation.diffrn_id                        1 
_diffrn_radiation.filter_edge                      ? 
_diffrn_radiation.inhomogeneity                    ? 
_diffrn_radiation.monochromator                    ? 
_diffrn_radiation.polarisn_norm                    ? 
_diffrn_radiation.polarisn_ratio                   ? 
_diffrn_radiation.probe                            ? 
_diffrn_radiation.type                             ? 
_diffrn_radiation.xray_symbol                      ? 
_diffrn_radiation.wavelength_id                    1 
_diffrn_radiation.pdbx_monochromatic_or_laue_m_l   M 
_diffrn_radiation.pdbx_wavelength_list             ? 
_diffrn_radiation.pdbx_wavelength                  ? 
_diffrn_radiation.pdbx_diffrn_protocol             'SINGLE WAVELENGTH' 
_diffrn_radiation.pdbx_analyzer                    ? 
_diffrn_radiation.pdbx_scattering_type             x-ray 
# 
_diffrn_radiation_wavelength.id           1 
_diffrn_radiation_wavelength.wavelength   1.007997 
_diffrn_radiation_wavelength.wt           1.0 
# 
_diffrn_source.current                     ? 
_diffrn_source.details                     ? 
_diffrn_source.diffrn_id                   1 
_diffrn_source.power                       ? 
_diffrn_source.size                        ? 
_diffrn_source.source                      SYNCHROTRON 
_diffrn_source.target                      ? 
_diffrn_source.type                        'ESRF BEAMLINE ID30B' 
_diffrn_source.voltage                     ? 
_diffrn_source.take-off_angle              ? 
_diffrn_source.pdbx_wavelength_list        1.007997 
_diffrn_source.pdbx_wavelength             ? 
_diffrn_source.pdbx_synchrotron_beamline   ID30B 
_diffrn_source.pdbx_synchrotron_site       ESRF 
# 
_reflns.B_iso_Wilson_estimate            ? 
_reflns.entry_id                         5NV1 
_reflns.data_reduction_details           ? 
_reflns.data_reduction_method            ? 
_reflns.d_resolution_high                1.51 
_reflns.d_resolution_low                 33.2 
_reflns.details                          ? 
_reflns.limit_h_max                      ? 
_reflns.limit_h_min                      ? 
_reflns.limit_k_max                      ? 
_reflns.limit_k_min                      ? 
_reflns.limit_l_max                      ? 
_reflns.limit_l_min                      ? 
_reflns.number_all                       ? 
_reflns.number_obs                       9248 
_reflns.observed_criterion               ? 
_reflns.observed_criterion_F_max         ? 
_reflns.observed_criterion_F_min         ? 
_reflns.observed_criterion_I_max         ? 
_reflns.observed_criterion_I_min         ? 
_reflns.observed_criterion_sigma_F       ? 
_reflns.observed_criterion_sigma_I       ? 
_reflns.percent_possible_obs             98.3 
_reflns.R_free_details                   ? 
_reflns.Rmerge_F_all                     ? 
_reflns.Rmerge_F_obs                     ? 
_reflns.Friedel_coverage                 ? 
_reflns.number_gt                        ? 
_reflns.threshold_expression             ? 
_reflns.pdbx_redundancy                  6 
_reflns.pdbx_Rmerge_I_obs                0.07 
_reflns.pdbx_Rmerge_I_all                ? 
_reflns.pdbx_Rsym_value                  ? 
_reflns.pdbx_netI_over_av_sigmaI         ? 
_reflns.pdbx_netI_over_sigmaI            14.51 
_reflns.pdbx_res_netI_over_av_sigmaI_2   ? 
_reflns.pdbx_res_netI_over_sigmaI_2      ? 
_reflns.pdbx_chi_squared                 ? 
_reflns.pdbx_scaling_rejects             ? 
_reflns.pdbx_d_res_high_opt              ? 
_reflns.pdbx_d_res_low_opt               ? 
_reflns.pdbx_d_res_opt_method            ? 
_reflns.phase_calculation_details        ? 
_reflns.pdbx_Rrim_I_all                  ? 
_reflns.pdbx_Rpim_I_all                  ? 
_reflns.pdbx_d_opt                       ? 
_reflns.pdbx_number_measured_all         ? 
_reflns.pdbx_diffrn_id                   1 
_reflns.pdbx_ordinal                     1 
_reflns.pdbx_CC_half                     ? 
_reflns.pdbx_R_split                     ? 
# 
_reflns_shell.d_res_high                  1.51 
_reflns_shell.d_res_low                   1.58 
_reflns_shell.meanI_over_sigI_all         ? 
_reflns_shell.meanI_over_sigI_obs         ? 
_reflns_shell.number_measured_all         ? 
_reflns_shell.number_measured_obs         ? 
_reflns_shell.number_possible             ? 
_reflns_shell.number_unique_all           ? 
_reflns_shell.number_unique_obs           ? 
_reflns_shell.percent_possible_all        96.5 
_reflns_shell.percent_possible_obs        ? 
_reflns_shell.Rmerge_F_all                ? 
_reflns_shell.Rmerge_F_obs                ? 
_reflns_shell.Rmerge_I_all                ? 
_reflns_shell.Rmerge_I_obs                0.831 
_reflns_shell.meanI_over_sigI_gt          ? 
_reflns_shell.meanI_over_uI_all           ? 
_reflns_shell.meanI_over_uI_gt            ? 
_reflns_shell.number_measured_gt          ? 
_reflns_shell.number_unique_gt            ? 
_reflns_shell.percent_possible_gt         ? 
_reflns_shell.Rmerge_F_gt                 ? 
_reflns_shell.Rmerge_I_gt                 ? 
_reflns_shell.pdbx_redundancy             6.2 
_reflns_shell.pdbx_Rsym_value             ? 
_reflns_shell.pdbx_chi_squared            ? 
_reflns_shell.pdbx_netI_over_sigmaI_all   ? 
_reflns_shell.pdbx_netI_over_sigmaI_obs   ? 
_reflns_shell.pdbx_Rrim_I_all             ? 
_reflns_shell.pdbx_Rpim_I_all             ? 
_reflns_shell.pdbx_rejects                ? 
_reflns_shell.pdbx_ordinal                1 
_reflns_shell.pdbx_diffrn_id              1 
_reflns_shell.pdbx_CC_half                ? 
_reflns_shell.pdbx_R_split                ? 
# 
_refine.aniso_B[1][1]                            ? 
_refine.aniso_B[1][2]                            ? 
_refine.aniso_B[1][3]                            ? 
_refine.aniso_B[2][2]                            ? 
_refine.aniso_B[2][3]                            ? 
_refine.aniso_B[3][3]                            ? 
_refine.B_iso_max                                139.350 
_refine.B_iso_mean                               25.9728 
_refine.B_iso_min                                8.350 
_refine.correlation_coeff_Fo_to_Fc               ? 
_refine.correlation_coeff_Fo_to_Fc_free          ? 
_refine.details                                  ? 
_refine.diff_density_max                         ? 
_refine.diff_density_max_esd                     ? 
_refine.diff_density_min                         ? 
_refine.diff_density_min_esd                     ? 
_refine.diff_density_rms                         ? 
_refine.diff_density_rms_esd                     ? 
_refine.entry_id                                 5NV1 
_refine.pdbx_refine_id                           'X-RAY DIFFRACTION' 
_refine.ls_abs_structure_details                 ? 
_refine.ls_abs_structure_Flack                   ? 
_refine.ls_abs_structure_Flack_esd               ? 
_refine.ls_abs_structure_Rogers                  ? 
_refine.ls_abs_structure_Rogers_esd              ? 
_refine.ls_d_res_high                            1.51 
_refine.ls_d_res_low                             33.2 
_refine.ls_extinction_coef                       ? 
_refine.ls_extinction_coef_esd                   ? 
_refine.ls_extinction_expression                 ? 
_refine.ls_extinction_method                     ? 
_refine.ls_goodness_of_fit_all                   ? 
_refine.ls_goodness_of_fit_all_esd               ? 
_refine.ls_goodness_of_fit_obs                   ? 
_refine.ls_goodness_of_fit_obs_esd               ? 
_refine.ls_hydrogen_treatment                    ? 
_refine.ls_matrix_type                           ? 
_refine.ls_number_constraints                    ? 
_refine.ls_number_parameters                     ? 
_refine.ls_number_reflns_all                     ? 
_refine.ls_number_reflns_obs                     9223 
_refine.ls_number_reflns_R_free                  ? 
_refine.ls_number_reflns_R_work                  ? 
_refine.ls_number_restraints                     ? 
_refine.ls_percent_reflns_obs                    98.3 
_refine.ls_percent_reflns_R_free                 ? 
_refine.ls_R_factor_all                          ? 
_refine.ls_R_factor_obs                          ? 
_refine.ls_R_factor_R_free                       ? 
_refine.ls_R_factor_R_free_error                 ? 
_refine.ls_R_factor_R_free_error_details         ? 
_refine.ls_R_factor_R_work                       ? 
_refine.ls_R_Fsqd_factor_obs                     ? 
_refine.ls_R_I_factor_obs                        ? 
_refine.ls_redundancy_reflns_all                 ? 
_refine.ls_redundancy_reflns_obs                 ? 
_refine.ls_restrained_S_all                      ? 
_refine.ls_restrained_S_obs                      ? 
_refine.ls_shift_over_esd_max                    ? 
_refine.ls_shift_over_esd_mean                   ? 
_refine.ls_structure_factor_coef                 ? 
_refine.ls_weighting_details                     ? 
_refine.ls_weighting_scheme                      ? 
_refine.ls_wR_factor_all                         ? 
_refine.ls_wR_factor_obs                         ? 
_refine.ls_wR_factor_R_free                      ? 
_refine.ls_wR_factor_R_work                      ? 
_refine.occupancy_max                            ? 
_refine.occupancy_min                            ? 
_refine.solvent_model_details                    ? 
_refine.solvent_model_param_bsol                 ? 
_refine.solvent_model_param_ksol                 ? 
_refine.ls_R_factor_gt                           ? 
_refine.ls_goodness_of_fit_gt                    ? 
_refine.ls_goodness_of_fit_ref                   ? 
_refine.ls_shift_over_su_max                     ? 
_refine.ls_shift_over_su_max_lt                  ? 
_refine.ls_shift_over_su_mean                    ? 
_refine.ls_shift_over_su_mean_lt                 ? 
_refine.pdbx_ls_sigma_I                          ? 
_refine.pdbx_ls_sigma_F                          ? 
_refine.pdbx_ls_sigma_Fsqd                       ? 
_refine.pdbx_data_cutoff_high_absF               ? 
_refine.pdbx_data_cutoff_high_rms_absF           ? 
_refine.pdbx_data_cutoff_low_absF                ? 
_refine.pdbx_isotropic_thermal_model             ? 
_refine.pdbx_ls_cross_valid_method               'FREE R-VALUE' 
_refine.pdbx_method_to_determine_struct          'MOLECULAR REPLACEMENT' 
_refine.pdbx_starting_model                      1X69 
_refine.pdbx_stereochemistry_target_values       ? 
_refine.pdbx_R_Free_selection_details            ? 
_refine.pdbx_stereochem_target_val_spec_case     ? 
_refine.pdbx_overall_ESU_R                       ? 
_refine.pdbx_overall_ESU_R_Free                  ? 
_refine.pdbx_solvent_vdw_probe_radii             ? 
_refine.pdbx_solvent_ion_probe_radii             ? 
_refine.pdbx_solvent_shrinkage_radii             ? 
_refine.pdbx_real_space_R                        ? 
_refine.pdbx_density_correlation                 ? 
_refine.pdbx_pd_number_of_powder_patterns        ? 
_refine.pdbx_pd_number_of_points                 ? 
_refine.pdbx_pd_meas_number_of_points            ? 
_refine.pdbx_pd_proc_ls_prof_R_factor            ? 
_refine.pdbx_pd_proc_ls_prof_wR_factor           ? 
_refine.pdbx_pd_Marquardt_correlation_coeff      ? 
_refine.pdbx_pd_Fsqrd_R_factor                   ? 
_refine.pdbx_pd_ls_matrix_band_width             ? 
_refine.pdbx_overall_phase_error                 ? 
_refine.pdbx_overall_SU_R_free_Cruickshank_DPI   ? 
_refine.pdbx_overall_SU_R_free_Blow_DPI          ? 
_refine.pdbx_overall_SU_R_Blow_DPI               ? 
_refine.pdbx_TLS_residual_ADP_flag               ? 
_refine.pdbx_diffrn_id                           1 
_refine.overall_SU_B                             ? 
_refine.overall_SU_ML                            ? 
_refine.overall_SU_R_Cruickshank_DPI             ? 
_refine.overall_SU_R_free                        ? 
_refine.overall_FOM_free_R_set                   ? 
_refine.overall_FOM_work_R_set                   ? 
_refine.pdbx_average_fsc_overall                 ? 
_refine.pdbx_average_fsc_work                    ? 
_refine.pdbx_average_fsc_free                    ? 
# 
_refine_hist.pdbx_refine_id                   'X-RAY DIFFRACTION' 
_refine_hist.cycle_id                         LAST 
_refine_hist.pdbx_number_atoms_protein        479 
_refine_hist.pdbx_number_atoms_nucleic_acid   0 
_refine_hist.pdbx_number_atoms_ligand         19 
_refine_hist.number_atoms_solvent             67 
_refine_hist.number_atoms_total               565 
_refine_hist.d_res_high                       1.51 
_refine_hist.d_res_low                        33.2 
# 
_struct.entry_id                     5NV1 
_struct.title                        'SH3 domain from Mouse cortactin (C 2 2 21 crystal form)' 
_struct.pdbx_model_details           ? 
_struct.pdbx_formula_weight          ? 
_struct.pdbx_formula_weight_method   ? 
_struct.pdbx_model_type_details      ? 
_struct.pdbx_CASP_flag               N 
# 
_struct_keywords.entry_id        5NV1 
_struct_keywords.text            'SH3 domain, cortactin, signaling, cancer, invadopodium, signaling protein' 
_struct_keywords.pdbx_keywords   'SIGNALING PROTEIN' 
# 
loop_
_struct_asym.id 
_struct_asym.pdbx_blank_PDB_chainid_flag 
_struct_asym.pdbx_modified 
_struct_asym.entity_id 
_struct_asym.details 
A N N 1 ? 
B N N 2 ? 
C N N 3 ? 
D N N 4 ? 
E N N 5 ? 
# 
_struct_ref.id                         1 
_struct_ref.db_name                    UNP 
_struct_ref.db_code                    SRC8_MOUSE 
_struct_ref.pdbx_db_accession          Q60598 
_struct_ref.pdbx_db_isoform            ? 
_struct_ref.entity_id                  1 
_struct_ref.pdbx_seq_one_letter_code   GITAIALYDYQAAGDDEISFDPDDIITNIEMIDDGWWRGVCKGRYGLFPANYVELRQ 
_struct_ref.pdbx_align_begin           490 
# 
_struct_ref_seq.align_id                      1 
_struct_ref_seq.ref_id                        1 
_struct_ref_seq.pdbx_PDB_id_code              5NV1 
_struct_ref_seq.pdbx_strand_id                A 
_struct_ref_seq.seq_align_beg                 4 
_struct_ref_seq.pdbx_seq_align_beg_ins_code   ? 
_struct_ref_seq.seq_align_end                 60 
_struct_ref_seq.pdbx_seq_align_end_ins_code   ? 
_struct_ref_seq.pdbx_db_accession             Q60598 
_struct_ref_seq.db_align_beg                  490 
_struct_ref_seq.pdbx_db_align_beg_ins_code    ? 
_struct_ref_seq.db_align_end                  546 
_struct_ref_seq.pdbx_db_align_end_ins_code    ? 
_struct_ref_seq.pdbx_auth_seq_align_beg       5 
_struct_ref_seq.pdbx_auth_seq_align_end       61 
# 
loop_
_struct_ref_seq_dif.align_id 
_struct_ref_seq_dif.pdbx_pdb_id_code 
_struct_ref_seq_dif.mon_id 
_struct_ref_seq_dif.pdbx_pdb_strand_id 
_struct_ref_seq_dif.seq_num 
_struct_ref_seq_dif.pdbx_pdb_ins_code 
_struct_ref_seq_dif.pdbx_seq_db_name 
_struct_ref_seq_dif.pdbx_seq_db_accession_code 
_struct_ref_seq_dif.db_mon_id 
_struct_ref_seq_dif.pdbx_seq_db_seq_num 
_struct_ref_seq_dif.details 
_struct_ref_seq_dif.pdbx_auth_seq_num 
_struct_ref_seq_dif.pdbx_ordinal 
1 5NV1 GLY A 1 ? UNP Q60598 ? ? 'expression tag' 2 1 
1 5NV1 HIS A 2 ? UNP Q60598 ? ? 'expression tag' 3 2 
1 5NV1 MET A 3 ? UNP Q60598 ? ? 'expression tag' 4 3 
# 
_pdbx_struct_assembly.id                   1 
_pdbx_struct_assembly.details              author_and_software_defined_assembly 
_pdbx_struct_assembly.method_details       PISA 
_pdbx_struct_assembly.oligomeric_details   monomeric 
_pdbx_struct_assembly.oligomeric_count     1 
# 
loop_
_pdbx_struct_assembly_prop.biol_id 
_pdbx_struct_assembly_prop.type 
_pdbx_struct_assembly_prop.value 
_pdbx_struct_assembly_prop.details 
1 'ABSA (A^2)' 560  ? 
1 MORE         -4   ? 
1 'SSA (A^2)'  4060 ? 
# 
_pdbx_struct_assembly_gen.assembly_id       1 
_pdbx_struct_assembly_gen.oper_expression   1 
_pdbx_struct_assembly_gen.asym_id_list      A,B,C,D,E 
# 
loop_
_pdbx_struct_assembly_auth_evidence.id 
_pdbx_struct_assembly_auth_evidence.assembly_id 
_pdbx_struct_assembly_auth_evidence.experimental_support 
_pdbx_struct_assembly_auth_evidence.details 
1 1 'gel filtration'   ? 
2 1 'light scattering' ? 
# 
_pdbx_struct_oper_list.id                   1 
_pdbx_struct_oper_list.type                 'identity operation' 
_pdbx_struct_oper_list.name                 1_555 
_pdbx_struct_oper_list.symmetry_operation   x,y,z 
_pdbx_struct_oper_list.matrix[1][1]         1.0000000000 
_pdbx_struct_oper_list.matrix[1][2]         0.0000000000 
_pdbx_struct_oper_list.matrix[1][3]         0.0000000000 
_pdbx_struct_oper_list.vector[1]            0.0000000000 
_pdbx_struct_oper_list.matrix[2][1]         0.0000000000 
_pdbx_struct_oper_list.matrix[2][2]         1.0000000000 
_pdbx_struct_oper_list.matrix[2][3]         0.0000000000 
_pdbx_struct_oper_list.vector[2]            0.0000000000 
_pdbx_struct_oper_list.matrix[3][1]         0.0000000000 
_pdbx_struct_oper_list.matrix[3][2]         0.0000000000 
_pdbx_struct_oper_list.matrix[3][3]         1.0000000000 
_pdbx_struct_oper_list.vector[3]            0.0000000000 
# 
loop_
_struct_conn.id 
_struct_conn.conn_type_id 
_struct_conn.pdbx_leaving_atom_flag 
_struct_conn.pdbx_PDB_id 
_struct_conn.ptnr1_label_asym_id 
_struct_conn.ptnr1_label_comp_id 
_struct_conn.ptnr1_label_seq_id 
_struct_conn.ptnr1_label_atom_id 
_struct_conn.pdbx_ptnr1_label_alt_id 
_struct_conn.pdbx_ptnr1_PDB_ins_code 
_struct_conn.pdbx_ptnr1_standard_comp_id 
_struct_conn.ptnr1_symmetry 
_struct_conn.ptnr2_label_asym_id 
_struct_conn.ptnr2_label_comp_id 
_struct_conn.ptnr2_label_seq_id 
_struct_conn.ptnr2_label_atom_id 
_struct_conn.pdbx_ptnr2_label_alt_id 
_struct_conn.pdbx_ptnr2_PDB_ins_code 
_struct_conn.ptnr1_auth_asym_id 
_struct_conn.ptnr1_auth_comp_id 
_struct_conn.ptnr1_auth_seq_id 
_struct_conn.ptnr2_auth_asym_id 
_struct_conn.ptnr2_auth_comp_id 
_struct_conn.ptnr2_auth_seq_id 
_struct_conn.ptnr2_symmetry 
_struct_conn.pdbx_ptnr3_label_atom_id 
_struct_conn.pdbx_ptnr3_label_seq_id 
_struct_conn.pdbx_ptnr3_label_comp_id 
_struct_conn.pdbx_ptnr3_label_asym_id 
_struct_conn.pdbx_ptnr3_label_alt_id 
_struct_conn.pdbx_ptnr3_PDB_ins_code 
_struct_conn.details 
_struct_conn.pdbx_dist_value 
_struct_conn.pdbx_value_order 
_struct_conn.pdbx_role 
metalc1 metalc ? ? A ASP 12 OD1 ? ? ? 1_555 D MG  . MG ? ? A ASP 13  A MG  103 1_555 ? ? ? ? ? ? ? 1.948 ? ? 
metalc2 metalc ? ? A ASP 24 OD1 ? ? ? 1_555 D MG  . MG ? ? A ASP 25  A MG  103 1_555 ? ? ? ? ? ? ? 2.067 ? ? 
metalc3 metalc ? ? D MG  .  MG  ? ? ? 1_555 E HOH . O  ? ? A MG  103 A HOH 217 1_555 ? ? ? ? ? ? ? 1.982 ? ? 
metalc4 metalc ? ? D MG  .  MG  ? ? ? 1_555 E HOH . O  ? ? A MG  103 A HOH 220 1_555 ? ? ? ? ? ? ? 2.058 ? ? 
metalc5 metalc ? ? D MG  .  MG  ? ? ? 1_555 E HOH . O  ? ? A MG  103 A HOH 224 1_555 ? ? ? ? ? ? ? 2.390 ? ? 
metalc6 metalc ? ? D MG  .  MG  ? ? ? 1_555 E HOH . O  ? ? A MG  103 A HOH 236 1_555 ? ? ? ? ? ? ? 2.095 ? ? 
# 
_struct_conn_type.id          metalc 
_struct_conn_type.criteria    ? 
_struct_conn_type.reference   ? 
# 
loop_
_pdbx_struct_conn_angle.id 
_pdbx_struct_conn_angle.ptnr1_label_atom_id 
_pdbx_struct_conn_angle.ptnr1_label_alt_id 
_pdbx_struct_conn_angle.ptnr1_label_asym_id 
_pdbx_struct_conn_angle.ptnr1_label_comp_id 
_pdbx_struct_conn_angle.ptnr1_label_seq_id 
_pdbx_struct_conn_angle.ptnr1_auth_atom_id 
_pdbx_struct_conn_angle.ptnr1_auth_asym_id 
_pdbx_struct_conn_angle.ptnr1_auth_comp_id 
_pdbx_struct_conn_angle.ptnr1_auth_seq_id 
_pdbx_struct_conn_angle.ptnr1_PDB_ins_code 
_pdbx_struct_conn_angle.ptnr1_symmetry 
_pdbx_struct_conn_angle.ptnr2_label_atom_id 
_pdbx_struct_conn_angle.ptnr2_label_alt_id 
_pdbx_struct_conn_angle.ptnr2_label_asym_id 
_pdbx_struct_conn_angle.ptnr2_label_comp_id 
_pdbx_struct_conn_angle.ptnr2_label_seq_id 
_pdbx_struct_conn_angle.ptnr2_auth_atom_id 
_pdbx_struct_conn_angle.ptnr2_auth_asym_id 
_pdbx_struct_conn_angle.ptnr2_auth_comp_id 
_pdbx_struct_conn_angle.ptnr2_auth_seq_id 
_pdbx_struct_conn_angle.ptnr2_PDB_ins_code 
_pdbx_struct_conn_angle.ptnr2_symmetry 
_pdbx_struct_conn_angle.ptnr3_label_atom_id 
_pdbx_struct_conn_angle.ptnr3_label_alt_id 
_pdbx_struct_conn_angle.ptnr3_label_asym_id 
_pdbx_struct_conn_angle.ptnr3_label_comp_id 
_pdbx_struct_conn_angle.ptnr3_label_seq_id 
_pdbx_struct_conn_angle.ptnr3_auth_atom_id 
_pdbx_struct_conn_angle.ptnr3_auth_asym_id 
_pdbx_struct_conn_angle.ptnr3_auth_comp_id 
_pdbx_struct_conn_angle.ptnr3_auth_seq_id 
_pdbx_struct_conn_angle.ptnr3_PDB_ins_code 
_pdbx_struct_conn_angle.ptnr3_symmetry 
_pdbx_struct_conn_angle.value 
_pdbx_struct_conn_angle.value_esd 
1  OD1 ? A ASP 12 ? A ASP 13  ? 1_555 MG ? D MG . ? A MG 103 ? 1_555 OD1 ? A ASP 24 ? A ASP 25  ? 1_555 98.2  ? 
2  OD1 ? A ASP 12 ? A ASP 13  ? 1_555 MG ? D MG . ? A MG 103 ? 1_555 O   ? E HOH .  ? A HOH 217 ? 1_555 88.4  ? 
3  OD1 ? A ASP 24 ? A ASP 25  ? 1_555 MG ? D MG . ? A MG 103 ? 1_555 O   ? E HOH .  ? A HOH 217 ? 1_555 169.1 ? 
4  OD1 ? A ASP 12 ? A ASP 13  ? 1_555 MG ? D MG . ? A MG 103 ? 1_555 O   ? E HOH .  ? A HOH 220 ? 1_555 175.8 ? 
5  OD1 ? A ASP 24 ? A ASP 25  ? 1_555 MG ? D MG . ? A MG 103 ? 1_555 O   ? E HOH .  ? A HOH 220 ? 1_555 80.5  ? 
6  O   ? E HOH .  ? A HOH 217 ? 1_555 MG ? D MG . ? A MG 103 ? 1_555 O   ? E HOH .  ? A HOH 220 ? 1_555 92.3  ? 
7  OD1 ? A ASP 12 ? A ASP 13  ? 1_555 MG ? D MG . ? A MG 103 ? 1_555 O   ? E HOH .  ? A HOH 224 ? 1_555 77.9  ? 
8  OD1 ? A ASP 24 ? A ASP 25  ? 1_555 MG ? D MG . ? A MG 103 ? 1_555 O   ? E HOH .  ? A HOH 224 ? 1_555 76.4  ? 
9  O   ? E HOH .  ? A HOH 217 ? 1_555 MG ? D MG . ? A MG 103 ? 1_555 O   ? E HOH .  ? A HOH 224 ? 1_555 96.7  ? 
10 O   ? E HOH .  ? A HOH 220 ? 1_555 MG ? D MG . ? A MG 103 ? 1_555 O   ? E HOH .  ? A HOH 224 ? 1_555 97.9  ? 
11 OD1 ? A ASP 12 ? A ASP 13  ? 1_555 MG ? D MG . ? A MG 103 ? 1_555 O   ? E HOH .  ? A HOH 236 ? 1_555 91.2  ? 
12 OD1 ? A ASP 24 ? A ASP 25  ? 1_555 MG ? D MG . ? A MG 103 ? 1_555 O   ? E HOH .  ? A HOH 236 ? 1_555 101.3 ? 
13 O   ? E HOH .  ? A HOH 217 ? 1_555 MG ? D MG . ? A MG 103 ? 1_555 O   ? E HOH .  ? A HOH 236 ? 1_555 87.2  ? 
14 O   ? E HOH .  ? A HOH 220 ? 1_555 MG ? D MG . ? A MG 103 ? 1_555 O   ? E HOH .  ? A HOH 236 ? 1_555 93.0  ? 
15 O   ? E HOH .  ? A HOH 224 ? 1_555 MG ? D MG . ? A MG 103 ? 1_555 O   ? E HOH .  ? A HOH 236 ? 1_555 168.3 ? 
# 
_struct_sheet.id               AA1 
_struct_sheet.type             ? 
_struct_sheet.number_strands   5 
_struct_sheet.details          ? 
# 
loop_
_struct_sheet_order.sheet_id 
_struct_sheet_order.range_id_1 
_struct_sheet_order.range_id_2 
_struct_sheet_order.offset 
_struct_sheet_order.sense 
AA1 1 2 ? anti-parallel 
AA1 2 3 ? anti-parallel 
AA1 3 4 ? anti-parallel 
AA1 4 5 ? anti-parallel 
# 
loop_
_struct_sheet_range.sheet_id 
_struct_sheet_range.id 
_struct_sheet_range.beg_label_comp_id 
_struct_sheet_range.beg_label_asym_id 
_struct_sheet_range.beg_label_seq_id 
_struct_sheet_range.pdbx_beg_PDB_ins_code 
_struct_sheet_range.end_label_comp_id 
_struct_sheet_range.end_label_asym_id 
_struct_sheet_range.end_label_seq_id 
_struct_sheet_range.pdbx_end_PDB_ins_code 
_struct_sheet_range.beg_auth_comp_id 
_struct_sheet_range.beg_auth_asym_id 
_struct_sheet_range.beg_auth_seq_id 
_struct_sheet_range.end_auth_comp_id 
_struct_sheet_range.end_auth_asym_id 
_struct_sheet_range.end_auth_seq_id 
AA1 1 ARG A 47 ? PRO A 52 ? ARG A 48 PRO A 53 
AA1 2 TRP A 39 ? CYS A 44 ? TRP A 40 CYS A 45 
AA1 3 ILE A 28 ? GLU A 33 ? ILE A 29 GLU A 34 
AA1 4 ALA A 7  ? ALA A 9  ? ALA A 8  ALA A 10 
AA1 5 VAL A 56 ? LEU A 58 ? VAL A 57 LEU A 59 
# 
loop_
_pdbx_struct_sheet_hbond.sheet_id 
_pdbx_struct_sheet_hbond.range_id_1 
_pdbx_struct_sheet_hbond.range_id_2 
_pdbx_struct_sheet_hbond.range_1_label_atom_id 
_pdbx_struct_sheet_hbond.range_1_label_comp_id 
_pdbx_struct_sheet_hbond.range_1_label_asym_id 
_pdbx_struct_sheet_hbond.range_1_label_seq_id 
_pdbx_struct_sheet_hbond.range_1_PDB_ins_code 
_pdbx_struct_sheet_hbond.range_1_auth_atom_id 
_pdbx_struct_sheet_hbond.range_1_auth_comp_id 
_pdbx_struct_sheet_hbond.range_1_auth_asym_id 
_pdbx_struct_sheet_hbond.range_1_auth_seq_id 
_pdbx_struct_sheet_hbond.range_2_label_atom_id 
_pdbx_struct_sheet_hbond.range_2_label_comp_id 
_pdbx_struct_sheet_hbond.range_2_label_asym_id 
_pdbx_struct_sheet_hbond.range_2_label_seq_id 
_pdbx_struct_sheet_hbond.range_2_PDB_ins_code 
_pdbx_struct_sheet_hbond.range_2_auth_atom_id 
_pdbx_struct_sheet_hbond.range_2_auth_comp_id 
_pdbx_struct_sheet_hbond.range_2_auth_asym_id 
_pdbx_struct_sheet_hbond.range_2_auth_seq_id 
AA1 1 2 O PHE A 51 ? O PHE A 52 N TRP A 40 ? N TRP A 41 
AA1 2 3 O ARG A 41 ? O ARG A 42 N GLU A 33 ? N GLU A 34 
AA1 3 4 O ILE A 29 ? O ILE A 30 N ALA A 7  ? N ALA A 8  
AA1 4 5 N ILE A 8  ? N ILE A 9  O GLU A 57 ? O GLU A 58 
# 
loop_
_struct_site.id 
_struct_site.pdbx_evidence_code 
_struct_site.pdbx_auth_asym_id 
_struct_site.pdbx_auth_comp_id 
_struct_site.pdbx_auth_seq_id 
_struct_site.pdbx_auth_ins_code 
_struct_site.pdbx_num_residues 
_struct_site.details 
AC1 Software A MES 101 ? 6 'binding site for residue MES A 101' 
AC2 Software A GOL 102 ? 5 'binding site for residue GOL A 102' 
AC3 Software A MG  103 ? 6 'binding site for residue MG A 103'  
# 
loop_
_struct_site_gen.id 
_struct_site_gen.site_id 
_struct_site_gen.pdbx_num_res 
_struct_site_gen.label_comp_id 
_struct_site_gen.label_asym_id 
_struct_site_gen.label_seq_id 
_struct_site_gen.pdbx_auth_ins_code 
_struct_site_gen.auth_comp_id 
_struct_site_gen.auth_asym_id 
_struct_site_gen.auth_seq_id 
_struct_site_gen.label_atom_id 
_struct_site_gen.label_alt_id 
_struct_site_gen.symmetry 
_struct_site_gen.details 
1  AC1 6 ALA A 16 ? ALA A 17  . ? 1_555 ? 
2  AC1 6 ASP A 19 ? ASP A 20  . ? 1_555 ? 
3  AC1 6 GLU A 20 ? GLU A 21  . ? 1_555 ? 
4  AC1 6 GLU A 57 ? GLU A 58  . ? 6_755 ? 
5  AC1 6 HOH E .  ? HOH A 203 . ? 1_555 ? 
6  AC1 6 HOH E .  ? HOH A 260 . ? 1_555 ? 
7  AC2 5 THR A 30 ? THR A 31  . ? 1_555 ? 
8  AC2 5 VAL A 43 ? VAL A 44  . ? 1_555 ? 
9  AC2 5 LYS A 45 ? LYS A 46  . ? 1_555 ? 
10 AC2 5 GLY A 46 ? GLY A 47  . ? 1_555 ? 
11 AC2 5 ASN A 54 ? ASN A 55  . ? 8_457 ? 
12 AC3 6 ASP A 12 ? ASP A 13  . ? 1_555 ? 
13 AC3 6 ASP A 24 ? ASP A 25  . ? 1_555 ? 
14 AC3 6 HOH E .  ? HOH A 217 . ? 1_555 ? 
15 AC3 6 HOH E .  ? HOH A 220 . ? 1_555 ? 
16 AC3 6 HOH E .  ? HOH A 224 . ? 1_555 ? 
17 AC3 6 HOH E .  ? HOH A 236 . ? 1_555 ? 
# 
loop_
_pdbx_validate_close_contact.id 
_pdbx_validate_close_contact.PDB_model_num 
_pdbx_validate_close_contact.auth_atom_id_1 
_pdbx_validate_close_contact.auth_asym_id_1 
_pdbx_validate_close_contact.auth_comp_id_1 
_pdbx_validate_close_contact.auth_seq_id_1 
_pdbx_validate_close_contact.PDB_ins_code_1 
_pdbx_validate_close_contact.label_alt_id_1 
_pdbx_validate_close_contact.auth_atom_id_2 
_pdbx_validate_close_contact.auth_asym_id_2 
_pdbx_validate_close_contact.auth_comp_id_2 
_pdbx_validate_close_contact.auth_seq_id_2 
_pdbx_validate_close_contact.PDB_ins_code_2 
_pdbx_validate_close_contact.label_alt_id_2 
_pdbx_validate_close_contact.dist 
1 1 O A HOH 241 ? ? O A HOH 256 ? ? 2.02 
2 1 O A HOH 240 ? ? O A HOH 254 ? ? 2.05 
3 1 O A ASP 38  ? ? O A HOH 201 ? ? 2.06 
4 1 O A HOH 211 ? ? O A HOH 221 ? ? 2.09 
5 1 O A GLN 61  ? ? O A HOH 202 ? ? 2.10 
6 1 O A HOH 206 ? ? O A HOH 207 ? ? 2.15 
7 1 O A HOH 223 ? ? O A HOH 251 ? ? 2.17 
# 
loop_
_pdbx_validate_symm_contact.id 
_pdbx_validate_symm_contact.PDB_model_num 
_pdbx_validate_symm_contact.auth_atom_id_1 
_pdbx_validate_symm_contact.auth_asym_id_1 
_pdbx_validate_symm_contact.auth_comp_id_1 
_pdbx_validate_symm_contact.auth_seq_id_1 
_pdbx_validate_symm_contact.PDB_ins_code_1 
_pdbx_validate_symm_contact.label_alt_id_1 
_pdbx_validate_symm_contact.site_symmetry_1 
_pdbx_validate_symm_contact.auth_atom_id_2 
_pdbx_validate_symm_contact.auth_asym_id_2 
_pdbx_validate_symm_contact.auth_comp_id_2 
_pdbx_validate_symm_contact.auth_seq_id_2 
_pdbx_validate_symm_contact.PDB_ins_code_2 
_pdbx_validate_symm_contact.label_alt_id_2 
_pdbx_validate_symm_contact.site_symmetry_2 
_pdbx_validate_symm_contact.dist 
1 1 O A HOH 238 ? ? 1_555 O A HOH 254 ? ? 8_457 1.72 
2 1 O A HOH 262 ? ? 1_555 O A HOH 262 ? ? 3_757 1.81 
3 1 O A HOH 235 ? ? 1_555 O A HOH 263 ? ? 6_755 2.15 
# 
_pdbx_validate_torsion.id              1 
_pdbx_validate_torsion.PDB_model_num   1 
_pdbx_validate_torsion.auth_comp_id    ASP 
_pdbx_validate_torsion.auth_asym_id    A 
_pdbx_validate_torsion.auth_seq_id     27 
_pdbx_validate_torsion.PDB_ins_code    ? 
_pdbx_validate_torsion.label_alt_id    ? 
_pdbx_validate_torsion.phi             74.69 
_pdbx_validate_torsion.psi             -0.27 
# 
loop_
_chem_comp_atom.comp_id 
_chem_comp_atom.atom_id 
_chem_comp_atom.type_symbol 
_chem_comp_atom.pdbx_aromatic_flag 
_chem_comp_atom.pdbx_stereo_config 
_chem_comp_atom.pdbx_ordinal 
ALA N    N  N N 1   
ALA CA   C  N S 2   
ALA C    C  N N 3   
ALA O    O  N N 4   
ALA CB   C  N N 5   
ALA OXT  O  N N 6   
ALA H    H  N N 7   
ALA H2   H  N N 8   
ALA HA   H  N N 9   
ALA HB1  H  N N 10  
ALA HB2  H  N N 11  
ALA HB3  H  N N 12  
ALA HXT  H  N N 13  
ARG N    N  N N 14  
ARG CA   C  N S 15  
ARG C    C  N N 16  
ARG O    O  N N 17  
ARG CB   C  N N 18  
ARG CG   C  N N 19  
ARG CD   C  N N 20  
ARG NE   N  N N 21  
ARG CZ   C  N N 22  
ARG NH1  N  N N 23  
ARG NH2  N  N N 24  
ARG OXT  O  N N 25  
ARG H    H  N N 26  
ARG H2   H  N N 27  
ARG HA   H  N N 28  
ARG HB2  H  N N 29  
ARG HB3  H  N N 30  
ARG HG2  H  N N 31  
ARG HG3  H  N N 32  
ARG HD2  H  N N 33  
ARG HD3  H  N N 34  
ARG HE   H  N N 35  
ARG HH11 H  N N 36  
ARG HH12 H  N N 37  
ARG HH21 H  N N 38  
ARG HH22 H  N N 39  
ARG HXT  H  N N 40  
ASN N    N  N N 41  
ASN CA   C  N S 42  
ASN C    C  N N 43  
ASN O    O  N N 44  
ASN CB   C  N N 45  
ASN CG   C  N N 46  
ASN OD1  O  N N 47  
ASN ND2  N  N N 48  
ASN OXT  O  N N 49  
ASN H    H  N N 50  
ASN H2   H  N N 51  
ASN HA   H  N N 52  
ASN HB2  H  N N 53  
ASN HB3  H  N N 54  
ASN HD21 H  N N 55  
ASN HD22 H  N N 56  
ASN HXT  H  N N 57  
ASP N    N  N N 58  
ASP CA   C  N S 59  
ASP C    C  N N 60  
ASP O    O  N N 61  
ASP CB   C  N N 62  
ASP CG   C  N N 63  
ASP OD1  O  N N 64  
ASP OD2  O  N N 65  
ASP OXT  O  N N 66  
ASP H    H  N N 67  
ASP H2   H  N N 68  
ASP HA   H  N N 69  
ASP HB2  H  N N 70  
ASP HB3  H  N N 71  
ASP HD2  H  N N 72  
ASP HXT  H  N N 73  
CYS N    N  N N 74  
CYS CA   C  N R 75  
CYS C    C  N N 76  
CYS O    O  N N 77  
CYS CB   C  N N 78  
CYS SG   S  N N 79  
CYS OXT  O  N N 80  
CYS H    H  N N 81  
CYS H2   H  N N 82  
CYS HA   H  N N 83  
CYS HB2  H  N N 84  
CYS HB3  H  N N 85  
CYS HG   H  N N 86  
CYS HXT  H  N N 87  
GLN N    N  N N 88  
GLN CA   C  N S 89  
GLN C    C  N N 90  
GLN O    O  N N 91  
GLN CB   C  N N 92  
GLN CG   C  N N 93  
GLN CD   C  N N 94  
GLN OE1  O  N N 95  
GLN NE2  N  N N 96  
GLN OXT  O  N N 97  
GLN H    H  N N 98  
GLN H2   H  N N 99  
GLN HA   H  N N 100 
GLN HB2  H  N N 101 
GLN HB3  H  N N 102 
GLN HG2  H  N N 103 
GLN HG3  H  N N 104 
GLN HE21 H  N N 105 
GLN HE22 H  N N 106 
GLN HXT  H  N N 107 
GLU N    N  N N 108 
GLU CA   C  N S 109 
GLU C    C  N N 110 
GLU O    O  N N 111 
GLU CB   C  N N 112 
GLU CG   C  N N 113 
GLU CD   C  N N 114 
GLU OE1  O  N N 115 
GLU OE2  O  N N 116 
GLU OXT  O  N N 117 
GLU H    H  N N 118 
GLU H2   H  N N 119 
GLU HA   H  N N 120 
GLU HB2  H  N N 121 
GLU HB3  H  N N 122 
GLU HG2  H  N N 123 
GLU HG3  H  N N 124 
GLU HE2  H  N N 125 
GLU HXT  H  N N 126 
GLY N    N  N N 127 
GLY CA   C  N N 128 
GLY C    C  N N 129 
GLY O    O  N N 130 
GLY OXT  O  N N 131 
GLY H    H  N N 132 
GLY H2   H  N N 133 
GLY HA2  H  N N 134 
GLY HA3  H  N N 135 
GLY HXT  H  N N 136 
GOL C1   C  N N 137 
GOL O1   O  N N 138 
GOL C2   C  N N 139 
GOL O2   O  N N 140 
GOL C3   C  N N 141 
GOL O3   O  N N 142 
GOL H11  H  N N 143 
GOL H12  H  N N 144 
GOL HO1  H  N N 145 
GOL H2   H  N N 146 
GOL HO2  H  N N 147 
GOL H31  H  N N 148 
GOL H32  H  N N 149 
GOL HO3  H  N N 150 
HIS N    N  N N 151 
HIS CA   C  N S 152 
HIS C    C  N N 153 
HIS O    O  N N 154 
HIS CB   C  N N 155 
HIS CG   C  Y N 156 
HIS ND1  N  Y N 157 
HIS CD2  C  Y N 158 
HIS CE1  C  Y N 159 
HIS NE2  N  Y N 160 
HIS OXT  O  N N 161 
HIS H    H  N N 162 
HIS H2   H  N N 163 
HIS HA   H  N N 164 
HIS HB2  H  N N 165 
HIS HB3  H  N N 166 
HIS HD1  H  N N 167 
HIS HD2  H  N N 168 
HIS HE1  H  N N 169 
HIS HE2  H  N N 170 
HIS HXT  H  N N 171 
HOH O    O  N N 172 
HOH H1   H  N N 173 
HOH H2   H  N N 174 
ILE N    N  N N 175 
ILE CA   C  N S 176 
ILE C    C  N N 177 
ILE O    O  N N 178 
ILE CB   C  N S 179 
ILE CG1  C  N N 180 
ILE CG2  C  N N 181 
ILE CD1  C  N N 182 
ILE OXT  O  N N 183 
ILE H    H  N N 184 
ILE H2   H  N N 185 
ILE HA   H  N N 186 
ILE HB   H  N N 187 
ILE HG12 H  N N 188 
ILE HG13 H  N N 189 
ILE HG21 H  N N 190 
ILE HG22 H  N N 191 
ILE HG23 H  N N 192 
ILE HD11 H  N N 193 
ILE HD12 H  N N 194 
ILE HD13 H  N N 195 
ILE HXT  H  N N 196 
LEU N    N  N N 197 
LEU CA   C  N S 198 
LEU C    C  N N 199 
LEU O    O  N N 200 
LEU CB   C  N N 201 
LEU CG   C  N N 202 
LEU CD1  C  N N 203 
LEU CD2  C  N N 204 
LEU OXT  O  N N 205 
LEU H    H  N N 206 
LEU H2   H  N N 207 
LEU HA   H  N N 208 
LEU HB2  H  N N 209 
LEU HB3  H  N N 210 
LEU HG   H  N N 211 
LEU HD11 H  N N 212 
LEU HD12 H  N N 213 
LEU HD13 H  N N 214 
LEU HD21 H  N N 215 
LEU HD22 H  N N 216 
LEU HD23 H  N N 217 
LEU HXT  H  N N 218 
LYS N    N  N N 219 
LYS CA   C  N S 220 
LYS C    C  N N 221 
LYS O    O  N N 222 
LYS CB   C  N N 223 
LYS CG   C  N N 224 
LYS CD   C  N N 225 
LYS CE   C  N N 226 
LYS NZ   N  N N 227 
LYS OXT  O  N N 228 
LYS H    H  N N 229 
LYS H2   H  N N 230 
LYS HA   H  N N 231 
LYS HB2  H  N N 232 
LYS HB3  H  N N 233 
LYS HG2  H  N N 234 
LYS HG3  H  N N 235 
LYS HD2  H  N N 236 
LYS HD3  H  N N 237 
LYS HE2  H  N N 238 
LYS HE3  H  N N 239 
LYS HZ1  H  N N 240 
LYS HZ2  H  N N 241 
LYS HZ3  H  N N 242 
LYS HXT  H  N N 243 
MES O1   O  N N 244 
MES C2   C  N N 245 
MES C3   C  N N 246 
MES N4   N  N N 247 
MES C5   C  N N 248 
MES C6   C  N N 249 
MES C7   C  N N 250 
MES C8   C  N N 251 
MES S    S  N N 252 
MES O1S  O  N N 253 
MES O2S  O  N N 254 
MES O3S  O  N N 255 
MES H21  H  N N 256 
MES H22  H  N N 257 
MES H31  H  N N 258 
MES H32  H  N N 259 
MES HN4  H  N N 260 
MES H51  H  N N 261 
MES H52  H  N N 262 
MES H61  H  N N 263 
MES H62  H  N N 264 
MES H71  H  N N 265 
MES H72  H  N N 266 
MES H81  H  N N 267 
MES H82  H  N N 268 
MET N    N  N N 269 
MET CA   C  N S 270 
MET C    C  N N 271 
MET O    O  N N 272 
MET CB   C  N N 273 
MET CG   C  N N 274 
MET SD   S  N N 275 
MET CE   C  N N 276 
MET OXT  O  N N 277 
MET H    H  N N 278 
MET H2   H  N N 279 
MET HA   H  N N 280 
MET HB2  H  N N 281 
MET HB3  H  N N 282 
MET HG2  H  N N 283 
MET HG3  H  N N 284 
MET HE1  H  N N 285 
MET HE2  H  N N 286 
MET HE3  H  N N 287 
MET HXT  H  N N 288 
MG  MG   MG N N 289 
PHE N    N  N N 290 
PHE CA   C  N S 291 
PHE C    C  N N 292 
PHE O    O  N N 293 
PHE CB   C  N N 294 
PHE CG   C  Y N 295 
PHE CD1  C  Y N 296 
PHE CD2  C  Y N 297 
PHE CE1  C  Y N 298 
PHE CE2  C  Y N 299 
PHE CZ   C  Y N 300 
PHE OXT  O  N N 301 
PHE H    H  N N 302 
PHE H2   H  N N 303 
PHE HA   H  N N 304 
PHE HB2  H  N N 305 
PHE HB3  H  N N 306 
PHE HD1  H  N N 307 
PHE HD2  H  N N 308 
PHE HE1  H  N N 309 
PHE HE2  H  N N 310 
PHE HZ   H  N N 311 
PHE HXT  H  N N 312 
PRO N    N  N N 313 
PRO CA   C  N S 314 
PRO C    C  N N 315 
PRO O    O  N N 316 
PRO CB   C  N N 317 
PRO CG   C  N N 318 
PRO CD   C  N N 319 
PRO OXT  O  N N 320 
PRO H    H  N N 321 
PRO HA   H  N N 322 
PRO HB2  H  N N 323 
PRO HB3  H  N N 324 
PRO HG2  H  N N 325 
PRO HG3  H  N N 326 
PRO HD2  H  N N 327 
PRO HD3  H  N N 328 
PRO HXT  H  N N 329 
SER N    N  N N 330 
SER CA   C  N S 331 
SER C    C  N N 332 
SER O    O  N N 333 
SER CB   C  N N 334 
SER OG   O  N N 335 
SER OXT  O  N N 336 
SER H    H  N N 337 
SER H2   H  N N 338 
SER HA   H  N N 339 
SER HB2  H  N N 340 
SER HB3  H  N N 341 
SER HG   H  N N 342 
SER HXT  H  N N 343 
THR N    N  N N 344 
THR CA   C  N S 345 
THR C    C  N N 346 
THR O    O  N N 347 
THR CB   C  N R 348 
THR OG1  O  N N 349 
THR CG2  C  N N 350 
THR OXT  O  N N 351 
THR H    H  N N 352 
THR H2   H  N N 353 
THR HA   H  N N 354 
THR HB   H  N N 355 
THR HG1  H  N N 356 
THR HG21 H  N N 357 
THR HG22 H  N N 358 
THR HG23 H  N N 359 
THR HXT  H  N N 360 
TRP N    N  N N 361 
TRP CA   C  N S 362 
TRP C    C  N N 363 
TRP O    O  N N 364 
TRP CB   C  N N 365 
TRP CG   C  Y N 366 
TRP CD1  C  Y N 367 
TRP CD2  C  Y N 368 
TRP NE1  N  Y N 369 
TRP CE2  C  Y N 370 
TRP CE3  C  Y N 371 
TRP CZ2  C  Y N 372 
TRP CZ3  C  Y N 373 
TRP CH2  C  Y N 374 
TRP OXT  O  N N 375 
TRP H    H  N N 376 
TRP H2   H  N N 377 
TRP HA   H  N N 378 
TRP HB2  H  N N 379 
TRP HB3  H  N N 380 
TRP HD1  H  N N 381 
TRP HE1  H  N N 382 
TRP HE3  H  N N 383 
TRP HZ2  H  N N 384 
TRP HZ3  H  N N 385 
TRP HH2  H  N N 386 
TRP HXT  H  N N 387 
TYR N    N  N N 388 
TYR CA   C  N S 389 
TYR C    C  N N 390 
TYR O    O  N N 391 
TYR CB   C  N N 392 
TYR CG   C  Y N 393 
TYR CD1  C  Y N 394 
TYR CD2  C  Y N 395 
TYR CE1  C  Y N 396 
TYR CE2  C  Y N 397 
TYR CZ   C  Y N 398 
TYR OH   O  N N 399 
TYR OXT  O  N N 400 
TYR H    H  N N 401 
TYR H2   H  N N 402 
TYR HA   H  N N 403 
TYR HB2  H  N N 404 
TYR HB3  H  N N 405 
TYR HD1  H  N N 406 
TYR HD2  H  N N 407 
TYR HE1  H  N N 408 
TYR HE2  H  N N 409 
TYR HH   H  N N 410 
TYR HXT  H  N N 411 
VAL N    N  N N 412 
VAL CA   C  N S 413 
VAL C    C  N N 414 
VAL O    O  N N 415 
VAL CB   C  N N 416 
VAL CG1  C  N N 417 
VAL CG2  C  N N 418 
VAL OXT  O  N N 419 
VAL H    H  N N 420 
VAL H2   H  N N 421 
VAL HA   H  N N 422 
VAL HB   H  N N 423 
VAL HG11 H  N N 424 
VAL HG12 H  N N 425 
VAL HG13 H  N N 426 
VAL HG21 H  N N 427 
VAL HG22 H  N N 428 
VAL HG23 H  N N 429 
VAL HXT  H  N N 430 
# 
loop_
_chem_comp_bond.comp_id 
_chem_comp_bond.atom_id_1 
_chem_comp_bond.atom_id_2 
_chem_comp_bond.value_order 
_chem_comp_bond.pdbx_aromatic_flag 
_chem_comp_bond.pdbx_stereo_config 
_chem_comp_bond.pdbx_ordinal 
ALA N   CA   sing N N 1   
ALA N   H    sing N N 2   
ALA N   H2   sing N N 3   
ALA CA  C    sing N N 4   
ALA CA  CB   sing N N 5   
ALA CA  HA   sing N N 6   
ALA C   O    doub N N 7   
ALA C   OXT  sing N N 8   
ALA CB  HB1  sing N N 9   
ALA CB  HB2  sing N N 10  
ALA CB  HB3  sing N N 11  
ALA OXT HXT  sing N N 12  
ARG N   CA   sing N N 13  
ARG N   H    sing N N 14  
ARG N   H2   sing N N 15  
ARG CA  C    sing N N 16  
ARG CA  CB   sing N N 17  
ARG CA  HA   sing N N 18  
ARG C   O    doub N N 19  
ARG C   OXT  sing N N 20  
ARG CB  CG   sing N N 21  
ARG CB  HB2  sing N N 22  
ARG CB  HB3  sing N N 23  
ARG CG  CD   sing N N 24  
ARG CG  HG2  sing N N 25  
ARG CG  HG3  sing N N 26  
ARG CD  NE   sing N N 27  
ARG CD  HD2  sing N N 28  
ARG CD  HD3  sing N N 29  
ARG NE  CZ   sing N N 30  
ARG NE  HE   sing N N 31  
ARG CZ  NH1  sing N N 32  
ARG CZ  NH2  doub N N 33  
ARG NH1 HH11 sing N N 34  
ARG NH1 HH12 sing N N 35  
ARG NH2 HH21 sing N N 36  
ARG NH2 HH22 sing N N 37  
ARG OXT HXT  sing N N 38  
ASN N   CA   sing N N 39  
ASN N   H    sing N N 40  
ASN N   H2   sing N N 41  
ASN CA  C    sing N N 42  
ASN CA  CB   sing N N 43  
ASN CA  HA   sing N N 44  
ASN C   O    doub N N 45  
ASN C   OXT  sing N N 46  
ASN CB  CG   sing N N 47  
ASN CB  HB2  sing N N 48  
ASN CB  HB3  sing N N 49  
ASN CG  OD1  doub N N 50  
ASN CG  ND2  sing N N 51  
ASN ND2 HD21 sing N N 52  
ASN ND2 HD22 sing N N 53  
ASN OXT HXT  sing N N 54  
ASP N   CA   sing N N 55  
ASP N   H    sing N N 56  
ASP N   H2   sing N N 57  
ASP CA  C    sing N N 58  
ASP CA  CB   sing N N 59  
ASP CA  HA   sing N N 60  
ASP C   O    doub N N 61  
ASP C   OXT  sing N N 62  
ASP CB  CG   sing N N 63  
ASP CB  HB2  sing N N 64  
ASP CB  HB3  sing N N 65  
ASP CG  OD1  doub N N 66  
ASP CG  OD2  sing N N 67  
ASP OD2 HD2  sing N N 68  
ASP OXT HXT  sing N N 69  
CYS N   CA   sing N N 70  
CYS N   H    sing N N 71  
CYS N   H2   sing N N 72  
CYS CA  C    sing N N 73  
CYS CA  CB   sing N N 74  
CYS CA  HA   sing N N 75  
CYS C   O    doub N N 76  
CYS C   OXT  sing N N 77  
CYS CB  SG   sing N N 78  
CYS CB  HB2  sing N N 79  
CYS CB  HB3  sing N N 80  
CYS SG  HG   sing N N 81  
CYS OXT HXT  sing N N 82  
GLN N   CA   sing N N 83  
GLN N   H    sing N N 84  
GLN N   H2   sing N N 85  
GLN CA  C    sing N N 86  
GLN CA  CB   sing N N 87  
GLN CA  HA   sing N N 88  
GLN C   O    doub N N 89  
GLN C   OXT  sing N N 90  
GLN CB  CG   sing N N 91  
GLN CB  HB2  sing N N 92  
GLN CB  HB3  sing N N 93  
GLN CG  CD   sing N N 94  
GLN CG  HG2  sing N N 95  
GLN CG  HG3  sing N N 96  
GLN CD  OE1  doub N N 97  
GLN CD  NE2  sing N N 98  
GLN NE2 HE21 sing N N 99  
GLN NE2 HE22 sing N N 100 
GLN OXT HXT  sing N N 101 
GLU N   CA   sing N N 102 
GLU N   H    sing N N 103 
GLU N   H2   sing N N 104 
GLU CA  C    sing N N 105 
GLU CA  CB   sing N N 106 
GLU CA  HA   sing N N 107 
GLU C   O    doub N N 108 
GLU C   OXT  sing N N 109 
GLU CB  CG   sing N N 110 
GLU CB  HB2  sing N N 111 
GLU CB  HB3  sing N N 112 
GLU CG  CD   sing N N 113 
GLU CG  HG2  sing N N 114 
GLU CG  HG3  sing N N 115 
GLU CD  OE1  doub N N 116 
GLU CD  OE2  sing N N 117 
GLU OE2 HE2  sing N N 118 
GLU OXT HXT  sing N N 119 
GLY N   CA   sing N N 120 
GLY N   H    sing N N 121 
GLY N   H2   sing N N 122 
GLY CA  C    sing N N 123 
GLY CA  HA2  sing N N 124 
GLY CA  HA3  sing N N 125 
GLY C   O    doub N N 126 
GLY C   OXT  sing N N 127 
GLY OXT HXT  sing N N 128 
GOL C1  O1   sing N N 129 
GOL C1  C2   sing N N 130 
GOL C1  H11  sing N N 131 
GOL C1  H12  sing N N 132 
GOL O1  HO1  sing N N 133 
GOL C2  O2   sing N N 134 
GOL C2  C3   sing N N 135 
GOL C2  H2   sing N N 136 
GOL O2  HO2  sing N N 137 
GOL C3  O3   sing N N 138 
GOL C3  H31  sing N N 139 
GOL C3  H32  sing N N 140 
GOL O3  HO3  sing N N 141 
HIS N   CA   sing N N 142 
HIS N   H    sing N N 143 
HIS N   H2   sing N N 144 
HIS CA  C    sing N N 145 
HIS CA  CB   sing N N 146 
HIS CA  HA   sing N N 147 
HIS C   O    doub N N 148 
HIS C   OXT  sing N N 149 
HIS CB  CG   sing N N 150 
HIS CB  HB2  sing N N 151 
HIS CB  HB3  sing N N 152 
HIS CG  ND1  sing Y N 153 
HIS CG  CD2  doub Y N 154 
HIS ND1 CE1  doub Y N 155 
HIS ND1 HD1  sing N N 156 
HIS CD2 NE2  sing Y N 157 
HIS CD2 HD2  sing N N 158 
HIS CE1 NE2  sing Y N 159 
HIS CE1 HE1  sing N N 160 
HIS NE2 HE2  sing N N 161 
HIS OXT HXT  sing N N 162 
HOH O   H1   sing N N 163 
HOH O   H2   sing N N 164 
ILE N   CA   sing N N 165 
ILE N   H    sing N N 166 
ILE N   H2   sing N N 167 
ILE CA  C    sing N N 168 
ILE CA  CB   sing N N 169 
ILE CA  HA   sing N N 170 
ILE C   O    doub N N 171 
ILE C   OXT  sing N N 172 
ILE CB  CG1  sing N N 173 
ILE CB  CG2  sing N N 174 
ILE CB  HB   sing N N 175 
ILE CG1 CD1  sing N N 176 
ILE CG1 HG12 sing N N 177 
ILE CG1 HG13 sing N N 178 
ILE CG2 HG21 sing N N 179 
ILE CG2 HG22 sing N N 180 
ILE CG2 HG23 sing N N 181 
ILE CD1 HD11 sing N N 182 
ILE CD1 HD12 sing N N 183 
ILE CD1 HD13 sing N N 184 
ILE OXT HXT  sing N N 185 
LEU N   CA   sing N N 186 
LEU N   H    sing N N 187 
LEU N   H2   sing N N 188 
LEU CA  C    sing N N 189 
LEU CA  CB   sing N N 190 
LEU CA  HA   sing N N 191 
LEU C   O    doub N N 192 
LEU C   OXT  sing N N 193 
LEU CB  CG   sing N N 194 
LEU CB  HB2  sing N N 195 
LEU CB  HB3  sing N N 196 
LEU CG  CD1  sing N N 197 
LEU CG  CD2  sing N N 198 
LEU CG  HG   sing N N 199 
LEU CD1 HD11 sing N N 200 
LEU CD1 HD12 sing N N 201 
LEU CD1 HD13 sing N N 202 
LEU CD2 HD21 sing N N 203 
LEU CD2 HD22 sing N N 204 
LEU CD2 HD23 sing N N 205 
LEU OXT HXT  sing N N 206 
LYS N   CA   sing N N 207 
LYS N   H    sing N N 208 
LYS N   H2   sing N N 209 
LYS CA  C    sing N N 210 
LYS CA  CB   sing N N 211 
LYS CA  HA   sing N N 212 
LYS C   O    doub N N 213 
LYS C   OXT  sing N N 214 
LYS CB  CG   sing N N 215 
LYS CB  HB2  sing N N 216 
LYS CB  HB3  sing N N 217 
LYS CG  CD   sing N N 218 
LYS CG  HG2  sing N N 219 
LYS CG  HG3  sing N N 220 
LYS CD  CE   sing N N 221 
LYS CD  HD2  sing N N 222 
LYS CD  HD3  sing N N 223 
LYS CE  NZ   sing N N 224 
LYS CE  HE2  sing N N 225 
LYS CE  HE3  sing N N 226 
LYS NZ  HZ1  sing N N 227 
LYS NZ  HZ2  sing N N 228 
LYS NZ  HZ3  sing N N 229 
LYS OXT HXT  sing N N 230 
MES O1  C2   sing N N 231 
MES O1  C6   sing N N 232 
MES C2  C3   sing N N 233 
MES C2  H21  sing N N 234 
MES C2  H22  sing N N 235 
MES C3  N4   sing N N 236 
MES C3  H31  sing N N 237 
MES C3  H32  sing N N 238 
MES N4  C5   sing N N 239 
MES N4  C7   sing N N 240 
MES N4  HN4  sing N N 241 
MES C5  C6   sing N N 242 
MES C5  H51  sing N N 243 
MES C5  H52  sing N N 244 
MES C6  H61  sing N N 245 
MES C6  H62  sing N N 246 
MES C7  C8   sing N N 247 
MES C7  H71  sing N N 248 
MES C7  H72  sing N N 249 
MES C8  S    sing N N 250 
MES C8  H81  sing N N 251 
MES C8  H82  sing N N 252 
MES S   O1S  doub N N 253 
MES S   O2S  doub N N 254 
MES S   O3S  sing N N 255 
MET N   CA   sing N N 256 
MET N   H    sing N N 257 
MET N   H2   sing N N 258 
MET CA  C    sing N N 259 
MET CA  CB   sing N N 260 
MET CA  HA   sing N N 261 
MET C   O    doub N N 262 
MET C   OXT  sing N N 263 
MET CB  CG   sing N N 264 
MET CB  HB2  sing N N 265 
MET CB  HB3  sing N N 266 
MET CG  SD   sing N N 267 
MET CG  HG2  sing N N 268 
MET CG  HG3  sing N N 269 
MET SD  CE   sing N N 270 
MET CE  HE1  sing N N 271 
MET CE  HE2  sing N N 272 
MET CE  HE3  sing N N 273 
MET OXT HXT  sing N N 274 
PHE N   CA   sing N N 275 
PHE N   H    sing N N 276 
PHE N   H2   sing N N 277 
PHE CA  C    sing N N 278 
PHE CA  CB   sing N N 279 
PHE CA  HA   sing N N 280 
PHE C   O    doub N N 281 
PHE C   OXT  sing N N 282 
PHE CB  CG   sing N N 283 
PHE CB  HB2  sing N N 284 
PHE CB  HB3  sing N N 285 
PHE CG  CD1  doub Y N 286 
PHE CG  CD2  sing Y N 287 
PHE CD1 CE1  sing Y N 288 
PHE CD1 HD1  sing N N 289 
PHE CD2 CE2  doub Y N 290 
PHE CD2 HD2  sing N N 291 
PHE CE1 CZ   doub Y N 292 
PHE CE1 HE1  sing N N 293 
PHE CE2 CZ   sing Y N 294 
PHE CE2 HE2  sing N N 295 
PHE CZ  HZ   sing N N 296 
PHE OXT HXT  sing N N 297 
PRO N   CA   sing N N 298 
PRO N   CD   sing N N 299 
PRO N   H    sing N N 300 
PRO CA  C    sing N N 301 
PRO CA  CB   sing N N 302 
PRO CA  HA   sing N N 303 
PRO C   O    doub N N 304 
PRO C   OXT  sing N N 305 
PRO CB  CG   sing N N 306 
PRO CB  HB2  sing N N 307 
PRO CB  HB3  sing N N 308 
PRO CG  CD   sing N N 309 
PRO CG  HG2  sing N N 310 
PRO CG  HG3  sing N N 311 
PRO CD  HD2  sing N N 312 
PRO CD  HD3  sing N N 313 
PRO OXT HXT  sing N N 314 
SER N   CA   sing N N 315 
SER N   H    sing N N 316 
SER N   H2   sing N N 317 
SER CA  C    sing N N 318 
SER CA  CB   sing N N 319 
SER CA  HA   sing N N 320 
SER C   O    doub N N 321 
SER C   OXT  sing N N 322 
SER CB  OG   sing N N 323 
SER CB  HB2  sing N N 324 
SER CB  HB3  sing N N 325 
SER OG  HG   sing N N 326 
SER OXT HXT  sing N N 327 
THR N   CA   sing N N 328 
THR N   H    sing N N 329 
THR N   H2   sing N N 330 
THR CA  C    sing N N 331 
THR CA  CB   sing N N 332 
THR CA  HA   sing N N 333 
THR C   O    doub N N 334 
THR C   OXT  sing N N 335 
THR CB  OG1  sing N N 336 
THR CB  CG2  sing N N 337 
THR CB  HB   sing N N 338 
THR OG1 HG1  sing N N 339 
THR CG2 HG21 sing N N 340 
THR CG2 HG22 sing N N 341 
THR CG2 HG23 sing N N 342 
THR OXT HXT  sing N N 343 
TRP N   CA   sing N N 344 
TRP N   H    sing N N 345 
TRP N   H2   sing N N 346 
TRP CA  C    sing N N 347 
TRP CA  CB   sing N N 348 
TRP CA  HA   sing N N 349 
TRP C   O    doub N N 350 
TRP C   OXT  sing N N 351 
TRP CB  CG   sing N N 352 
TRP CB  HB2  sing N N 353 
TRP CB  HB3  sing N N 354 
TRP CG  CD1  doub Y N 355 
TRP CG  CD2  sing Y N 356 
TRP CD1 NE1  sing Y N 357 
TRP CD1 HD1  sing N N 358 
TRP CD2 CE2  doub Y N 359 
TRP CD2 CE3  sing Y N 360 
TRP NE1 CE2  sing Y N 361 
TRP NE1 HE1  sing N N 362 
TRP CE2 CZ2  sing Y N 363 
TRP CE3 CZ3  doub Y N 364 
TRP CE3 HE3  sing N N 365 
TRP CZ2 CH2  doub Y N 366 
TRP CZ2 HZ2  sing N N 367 
TRP CZ3 CH2  sing Y N 368 
TRP CZ3 HZ3  sing N N 369 
TRP CH2 HH2  sing N N 370 
TRP OXT HXT  sing N N 371 
TYR N   CA   sing N N 372 
TYR N   H    sing N N 373 
TYR N   H2   sing N N 374 
TYR CA  C    sing N N 375 
TYR CA  CB   sing N N 376 
TYR CA  HA   sing N N 377 
TYR C   O    doub N N 378 
TYR C   OXT  sing N N 379 
TYR CB  CG   sing N N 380 
TYR CB  HB2  sing N N 381 
TYR CB  HB3  sing N N 382 
TYR CG  CD1  doub Y N 383 
TYR CG  CD2  sing Y N 384 
TYR CD1 CE1  sing Y N 385 
TYR CD1 HD1  sing N N 386 
TYR CD2 CE2  doub Y N 387 
TYR CD2 HD2  sing N N 388 
TYR CE1 CZ   doub Y N 389 
TYR CE1 HE1  sing N N 390 
TYR CE2 CZ   sing Y N 391 
TYR CE2 HE2  sing N N 392 
TYR CZ  OH   sing N N 393 
TYR OH  HH   sing N N 394 
TYR OXT HXT  sing N N 395 
VAL N   CA   sing N N 396 
VAL N   H    sing N N 397 
VAL N   H2   sing N N 398 
VAL CA  C    sing N N 399 
VAL CA  CB   sing N N 400 
VAL CA  HA   sing N N 401 
VAL C   O    doub N N 402 
VAL C   OXT  sing N N 403 
VAL CB  CG1  sing N N 404 
VAL CB  CG2  sing N N 405 
VAL CB  HB   sing N N 406 
VAL CG1 HG11 sing N N 407 
VAL CG1 HG12 sing N N 408 
VAL CG1 HG13 sing N N 409 
VAL CG2 HG21 sing N N 410 
VAL CG2 HG22 sing N N 411 
VAL CG2 HG23 sing N N 412 
VAL OXT HXT  sing N N 413 
# 
_pdbx_initial_refinement_model.id               1 
_pdbx_initial_refinement_model.entity_id_list   ? 
_pdbx_initial_refinement_model.type             'experimental model' 
_pdbx_initial_refinement_model.source_name      PDB 
_pdbx_initial_refinement_model.accession_code   1X69 
_pdbx_initial_refinement_model.details          ? 
# 
_atom_sites.entry_id                    5NV1 
_atom_sites.fract_transf_matrix[1][1]   -0.00346909 
_atom_sites.fract_transf_matrix[1][2]   -0.00503245 
_atom_sites.fract_transf_matrix[1][3]   -0.02339264 
_atom_sites.fract_transf_matrix[2][1]   0.01052152 
_atom_sites.fract_transf_matrix[2][2]   0.01372497 
_atom_sites.fract_transf_matrix[2][3]   -0.00451297 
_atom_sites.fract_transf_matrix[3][1]   0.01584694 
_atom_sites.fract_transf_matrix[3][2]   -0.01206733 
_atom_sites.fract_transf_matrix[3][3]   0.00024596 
_atom_sites.fract_transf_vector[1]      1.116261 
_atom_sites.fract_transf_vector[2]      0.299107 
_atom_sites.fract_transf_vector[3]      1.062520 
# 
loop_
_atom_type.symbol 
C  
MG 
N  
O  
S  
# 
loop_
_atom_site.group_PDB 
_atom_site.id 
_atom_site.type_symbol 
_atom_site.label_atom_id 
_atom_site.label_alt_id 
_atom_site.label_comp_id 
_atom_site.label_asym_id 
_atom_site.label_entity_id 
_atom_site.label_seq_id 
_atom_site.pdbx_PDB_ins_code 
_atom_site.Cartn_x 
_atom_site.Cartn_y 
_atom_site.Cartn_z 
_atom_site.occupancy 
_atom_site.B_iso_or_equiv 
_atom_site.pdbx_formal_charge 
_atom_site.auth_seq_id 
_atom_site.auth_comp_id 
_atom_site.auth_asym_id 
_atom_site.auth_atom_id 
_atom_site.pdbx_PDB_model_num 
ATOM   1   N  N   . GLY A 1 1  ? 6.304   8.715   12.672  1.00 89.82  ? 2   GLY A N   1 
ATOM   2   C  CA  . GLY A 1 1  ? 7.454   9.519   12.301  1.00 94.25  ? 2   GLY A CA  1 
ATOM   3   C  C   . GLY A 1 1  ? 8.163   8.985   11.074  1.00 96.71  ? 2   GLY A C   1 
ATOM   4   O  O   . GLY A 1 1  ? 7.991   9.505   9.969   1.00 93.66  ? 2   GLY A O   1 
ATOM   5   N  N   . HIS A 1 2  ? 8.955   7.931   11.265  1.00 98.82  ? 3   HIS A N   1 
ATOM   6   C  CA  . HIS A 1 2  ? 9.710   7.343   10.167  1.00 98.64  ? 3   HIS A CA  1 
ATOM   7   C  C   . HIS A 1 2  ? 8.843   6.340   9.418   1.00 79.38  ? 3   HIS A C   1 
ATOM   8   O  O   . HIS A 1 2  ? 9.254   5.195   9.204   1.00 79.74  ? 3   HIS A O   1 
ATOM   9   C  CB  . HIS A 1 2  ? 10.987  6.672   10.682  1.00 112.11 ? 3   HIS A CB  1 
ATOM   10  C  CG  . HIS A 1 2  ? 11.999  6.387   9.613   1.00 117.62 ? 3   HIS A CG  1 
ATOM   11  N  ND1 . HIS A 1 2  ? 13.281  5.967   9.896   1.00 110.77 ? 3   HIS A ND1 1 
ATOM   12  C  CD2 . HIS A 1 2  ? 11.917  6.459   8.263   1.00 113.48 ? 3   HIS A CD2 1 
ATOM   13  C  CE1 . HIS A 1 2  ? 13.946  5.794   8.767   1.00 107.05 ? 3   HIS A CE1 1 
ATOM   14  N  NE2 . HIS A 1 2  ? 13.142  6.084   7.762   1.00 106.26 ? 3   HIS A NE2 1 
ATOM   15  N  N   . MET A 1 3  ? 7.640   6.758   9.027   1.00 62.75  ? 4   MET A N   1 
ATOM   16  C  CA  A MET A 1 3  ? 6.730   5.912   8.266   0.87 49.39  ? 4   MET A CA  1 
ATOM   17  C  CA  B MET A 1 3  ? 6.732   5.911   8.265   0.13 49.54  ? 4   MET A CA  1 
ATOM   18  C  C   . MET A 1 3  ? 6.745   6.226   6.775   1.00 36.66  ? 4   MET A C   1 
ATOM   19  O  O   . MET A 1 3  ? 6.044   5.554   6.009   1.00 20.83  ? 4   MET A O   1 
ATOM   20  C  CB  A MET A 1 3  ? 5.304   6.057   8.806   0.87 49.99  ? 4   MET A CB  1 
ATOM   21  C  CB  B MET A 1 3  ? 5.306   6.046   8.806   0.13 49.96  ? 4   MET A CB  1 
ATOM   22  C  CG  A MET A 1 3  ? 5.137   5.646   10.261  0.87 52.04  ? 4   MET A CG  1 
ATOM   23  C  CG  B MET A 1 3  ? 5.114   5.460   10.193  0.13 51.21  ? 4   MET A CG  1 
ATOM   24  S  SD  A MET A 1 3  ? 4.273   4.076   10.468  0.87 44.01  ? 4   MET A SD  1 
ATOM   25  S  SD  B MET A 1 3  ? 6.065   6.330   11.453  0.13 57.20  ? 4   MET A SD  1 
ATOM   26  C  CE  A MET A 1 3  ? 5.632   2.986   10.884  0.87 47.45  ? 4   MET A CE  1 
ATOM   27  C  CE  B MET A 1 3  ? 5.667   5.357   12.899  0.13 40.05  ? 4   MET A CE  1 
ATOM   28  N  N   . GLY A 1 4  ? 7.516   7.224   6.346   1.00 34.98  ? 5   GLY A N   1 
ATOM   29  C  CA  . GLY A 1 4  ? 7.587   7.566   4.936   1.00 31.61  ? 5   GLY A CA  1 
ATOM   30  C  C   . GLY A 1 4  ? 6.261   8.081   4.401   1.00 28.18  ? 5   GLY A C   1 
ATOM   31  O  O   . GLY A 1 4  ? 5.433   8.633   5.131   1.00 19.84  ? 5   GLY A O   1 
ATOM   32  N  N   . ILE A 1 5  ? 6.070   7.911   3.092   1.00 15.73  ? 6   ILE A N   1 
ATOM   33  C  CA  . ILE A 1 5  ? 4.798   8.253   2.467   1.00 16.11  ? 6   ILE A CA  1 
ATOM   34  C  C   . ILE A 1 5  ? 3.761   7.218   2.862   1.00 15.43  ? 6   ILE A C   1 
ATOM   35  O  O   . ILE A 1 5  ? 4.011   6.004   2.796   1.00 16.32  ? 6   ILE A O   1 
ATOM   36  C  CB  . ILE A 1 5  ? 4.955   8.341   0.941   1.00 19.86  ? 6   ILE A CB  1 
ATOM   37  C  CG1 . ILE A 1 5  ? 5.981   9.420   0.581   1.00 23.18  ? 6   ILE A CG1 1 
ATOM   38  C  CG2 . ILE A 1 5  ? 3.609   8.637   0.274   1.00 17.93  ? 6   ILE A CG2 1 
ATOM   39  C  CD1 . ILE A 1 5  ? 6.267   9.535   -0.905  1.00 18.77  ? 6   ILE A CD1 1 
ATOM   40  N  N   . THR A 1 6  ? 2.586   7.684   3.280   1.00 17.47  ? 7   THR A N   1 
ATOM   41  C  CA  . THR A 1 6  ? 1.528   6.815   3.766   1.00 13.58  ? 7   THR A CA  1 
ATOM   42  C  C   . THR A 1 6  ? 0.240   7.082   3.000   1.00 13.94  ? 7   THR A C   1 
ATOM   43  O  O   . THR A 1 6  ? 0.062   8.138   2.385   1.00 14.26  ? 7   THR A O   1 
ATOM   44  C  CB  . THR A 1 6  ? 1.280   7.011   5.269   1.00 20.19  ? 7   THR A CB  1 
ATOM   45  O  OG1 . THR A 1 6  ? 0.660   8.284   5.492   1.00 18.96  ? 7   THR A OG1 1 
ATOM   46  C  CG2 . THR A 1 6  ? 2.590   6.941   6.047   1.00 24.13  ? 7   THR A CG2 1 
ATOM   47  N  N   . ALA A 1 7  ? -0.665  6.107   3.051   1.00 12.23  ? 8   ALA A N   1 
ATOM   48  C  CA  . ALA A 1 7  ? -1.932  6.194   2.342   1.00 12.43  ? 8   ALA A CA  1 
ATOM   49  C  C   . ALA A 1 7  ? -2.970  5.350   3.067   1.00 11.95  ? 8   ALA A C   1 
ATOM   50  O  O   . ALA A 1 7  ? -2.642  4.524   3.923   1.00 12.84  ? 8   ALA A O   1 
ATOM   51  C  CB  . ALA A 1 7  ? -1.787  5.736   0.888   1.00 15.07  ? 8   ALA A CB  1 
ATOM   52  N  N   . ILE A 1 8  ? -4.233  5.576   2.713   1.00 13.37  ? 9   ILE A N   1 
ATOM   53  C  CA  . ILE A 1 8  ? -5.360  4.809   3.229   1.00 12.89  ? 9   ILE A CA  1 
ATOM   54  C  C   . ILE A 1 8  ? -5.943  3.998   2.082   1.00 14.53  ? 9   ILE A C   1 
ATOM   55  O  O   . ILE A 1 8  ? -6.069  4.499   0.957   1.00 17.58  ? 9   ILE A O   1 
ATOM   56  C  CB  . ILE A 1 8  ? -6.440  5.719   3.850   1.00 17.99  ? 9   ILE A CB  1 
ATOM   57  C  CG1 . ILE A 1 8  ? -5.850  6.562   4.986   1.00 29.07  ? 9   ILE A CG1 1 
ATOM   58  C  CG2 . ILE A 1 8  ? -7.637  4.893   4.337   1.00 24.97  ? 9   ILE A CG2 1 
ATOM   59  C  CD1 . ILE A 1 8  ? -5.489  5.782   6.244   1.00 31.63  ? 9   ILE A CD1 1 
ATOM   60  N  N   . ALA A 1 9  ? -6.302  2.751   2.364   1.00 10.96  ? 10  ALA A N   1 
ATOM   61  C  CA  . ALA A 1 9  ? -6.921  1.905   1.353   1.00 11.78  ? 10  ALA A CA  1 
ATOM   62  C  C   . ALA A 1 9  ? -8.321  2.410   1.031   1.00 14.55  ? 10  ALA A C   1 
ATOM   63  O  O   . ALA A 1 9  ? -9.141  2.613   1.932   1.00 14.18  ? 10  ALA A O   1 
ATOM   64  C  CB  . ALA A 1 9  ? -6.986  0.459   1.838   1.00 19.41  ? 10  ALA A CB  1 
ATOM   65  N  N   . LEU A 1 10 ? -8.590  2.616   -0.258  1.00 10.28  ? 11  LEU A N   1 
ATOM   66  C  CA  . LEU A 1 10 ? -9.941  2.954   -0.688  1.00 13.90  ? 11  LEU A CA  1 
ATOM   67  C  C   . LEU A 1 10 ? -10.809 1.714   -0.846  1.00 18.44  ? 11  LEU A C   1 
ATOM   68  O  O   . LEU A 1 10 ? -12.026 1.786   -0.641  1.00 16.41  ? 11  LEU A O   1 
ATOM   69  C  CB  . LEU A 1 10 ? -9.903  3.720   -2.009  1.00 14.01  ? 11  LEU A CB  1 
ATOM   70  C  CG  . LEU A 1 10 ? -9.238  5.097   -1.997  1.00 16.72  ? 11  LEU A CG  1 
ATOM   71  C  CD1 . LEU A 1 10 ? -9.071  5.610   -3.418  1.00 17.36  ? 11  LEU A CD1 1 
ATOM   72  C  CD2 . LEU A 1 10 ? -10.050 6.080   -1.168  1.00 12.91  ? 11  LEU A CD2 1 
ATOM   73  N  N   . TYR A 1 11 ? -10.210 0.581   -1.210  1.00 16.67  ? 12  TYR A N   1 
ATOM   74  C  CA  . TYR A 1 11 ? -10.954 -0.642  -1.461  1.00 15.73  ? 12  TYR A CA  1 
ATOM   75  C  C   . TYR A 1 11 ? -10.213 -1.831  -0.872  1.00 17.72  ? 12  TYR A C   1 
ATOM   76  O  O   . TYR A 1 11 ? -9.027  -1.757  -0.545  1.00 15.61  ? 12  TYR A O   1 
ATOM   77  C  CB  . TYR A 1 11 ? -11.166 -0.892  -2.960  1.00 17.20  ? 12  TYR A CB  1 
ATOM   78  C  CG  . TYR A 1 11 ? -11.334 0.360   -3.782  1.00 17.11  ? 12  TYR A CG  1 
ATOM   79  C  CD1 . TYR A 1 11 ? -12.535 1.057   -3.786  1.00 15.18  ? 12  TYR A CD1 1 
ATOM   80  C  CD2 . TYR A 1 11 ? -10.295 0.839   -4.566  1.00 16.53  ? 12  TYR A CD2 1 
ATOM   81  C  CE1 . TYR A 1 11 ? -12.691 2.200   -4.540  1.00 17.83  ? 12  TYR A CE1 1 
ATOM   82  C  CE2 . TYR A 1 11 ? -10.444 1.980   -5.325  1.00 19.19  ? 12  TYR A CE2 1 
ATOM   83  C  CZ  . TYR A 1 11 ? -11.644 2.655   -5.310  1.00 18.55  ? 12  TYR A CZ  1 
ATOM   84  O  OH  . TYR A 1 11 ? -11.807 3.796   -6.059  1.00 18.49  ? 12  TYR A OH  1 
ATOM   85  N  N   . ASP A 1 12 ? -10.939 -2.937  -0.752  1.00 14.16  ? 13  ASP A N   1 
ATOM   86  C  CA  . ASP A 1 12 ? -10.320 -4.217  -0.450  1.00 17.97  ? 13  ASP A CA  1 
ATOM   87  C  C   . ASP A 1 12 ? -9.407  -4.634  -1.597  1.00 13.68  ? 13  ASP A C   1 
ATOM   88  O  O   . ASP A 1 12 ? -9.719  -4.412  -2.770  1.00 17.33  ? 13  ASP A O   1 
ATOM   89  C  CB  . ASP A 1 12 ? -11.402 -5.273  -0.231  1.00 25.58  ? 13  ASP A CB  1 
ATOM   90  C  CG  . ASP A 1 12 ? -10.856 -6.562  0.334   1.00 27.90  ? 13  ASP A CG  1 
ATOM   91  O  OD1 . ASP A 1 12 ? -10.545 -6.593  1.543   1.00 27.49  ? 13  ASP A OD1 1 
ATOM   92  O  OD2 . ASP A 1 12 ? -10.752 -7.546  -0.427  1.00 29.02  ? 13  ASP A OD2 1 
ATOM   93  N  N   . TYR A 1 13 ? -8.267  -5.231  -1.259  1.00 15.36  ? 14  TYR A N   1 
ATOM   94  C  CA  . TYR A 1 13 ? -7.415  -5.839  -2.271  1.00 11.72  ? 14  TYR A CA  1 
ATOM   95  C  C   . TYR A 1 13 ? -6.830  -7.130  -1.730  1.00 15.56  ? 14  TYR A C   1 
ATOM   96  O  O   . TYR A 1 13 ? -6.307  -7.160  -0.612  1.00 15.23  ? 14  TYR A O   1 
ATOM   97  C  CB  . TYR A 1 13 ? -6.280  -4.909  -2.714  1.00 10.43  ? 14  TYR A CB  1 
ATOM   98  C  CG  . TYR A 1 13 ? -5.442  -5.530  -3.810  1.00 14.37  ? 14  TYR A CG  1 
ATOM   99  C  CD1 . TYR A 1 13 ? -5.929  -5.629  -5.105  1.00 15.56  ? 14  TYR A CD1 1 
ATOM   100 C  CD2 . TYR A 1 13 ? -4.179  -6.037  -3.548  1.00 16.84  ? 14  TYR A CD2 1 
ATOM   101 C  CE1 . TYR A 1 13 ? -5.179  -6.206  -6.107  1.00 17.97  ? 14  TYR A CE1 1 
ATOM   102 C  CE2 . TYR A 1 13 ? -3.420  -6.614  -4.548  1.00 14.29  ? 14  TYR A CE2 1 
ATOM   103 C  CZ  . TYR A 1 13 ? -3.927  -6.696  -5.825  1.00 19.08  ? 14  TYR A CZ  1 
ATOM   104 O  OH  . TYR A 1 13 ? -3.181  -7.271  -6.828  1.00 14.40  ? 14  TYR A OH  1 
ATOM   105 N  N   . GLN A 1 14 ? -6.917  -8.188  -2.531  1.00 20.08  ? 15  GLN A N   1 
ATOM   106 C  CA  . GLN A 1 14 ? -6.357  -9.491  -2.195  1.00 19.43  ? 15  GLN A CA  1 
ATOM   107 C  C   . GLN A 1 14 ? -5.103  -9.705  -3.029  1.00 19.73  ? 15  GLN A C   1 
ATOM   108 O  O   . GLN A 1 14 ? -5.154  -9.638  -4.261  1.00 24.15  ? 15  GLN A O   1 
ATOM   109 C  CB  . GLN A 1 14 ? -7.373  -10.604 -2.451  1.00 28.47  ? 15  GLN A CB  1 
ATOM   110 C  CG  . GLN A 1 14 ? -8.658  -10.465 -1.652  1.00 32.47  ? 15  GLN A CG  1 
ATOM   111 C  CD  . GLN A 1 14 ? -9.571  -11.666 -1.807  1.00 57.55  ? 15  GLN A CD  1 
ATOM   112 O  OE1 . GLN A 1 14 ? -9.624  -12.536 -0.937  1.00 63.93  ? 15  GLN A OE1 1 
ATOM   113 N  NE2 . GLN A 1 14 ? -10.296 -11.718 -2.918  1.00 55.22  ? 15  GLN A NE2 1 
ATOM   114 N  N   . ALA A 1 15 ? -3.982  -9.954  -2.356  1.00 21.21  ? 16  ALA A N   1 
ATOM   115 C  CA  . ALA A 1 15 ? -2.726  -10.199 -3.049  1.00 19.40  ? 16  ALA A CA  1 
ATOM   116 C  C   . ALA A 1 15 ? -2.877  -11.348 -4.036  1.00 17.36  ? 16  ALA A C   1 
ATOM   117 O  O   . ALA A 1 15 ? -3.404  -12.411 -3.696  1.00 23.91  ? 16  ALA A O   1 
ATOM   118 C  CB  . ALA A 1 15 ? -1.624  -10.516 -2.036  1.00 17.68  ? 16  ALA A CB  1 
ATOM   119 N  N   . ALA A 1 16 ? -2.419  -11.124 -5.265  1.00 15.39  ? 17  ALA A N   1 
ATOM   120 C  CA  . ALA A 1 16 ? -2.424  -12.151 -6.297  1.00 23.47  ? 17  ALA A CA  1 
ATOM   121 C  C   . ALA A 1 16 ? -1.115  -12.925 -6.358  1.00 26.64  ? 17  ALA A C   1 
ATOM   122 O  O   . ALA A 1 16 ? -0.936  -13.754 -7.257  1.00 26.15  ? 17  ALA A O   1 
ATOM   123 C  CB  . ALA A 1 16 ? -2.719  -11.522 -7.661  1.00 30.49  ? 17  ALA A CB  1 
ATOM   124 N  N   . GLY A 1 17 ? -0.202  -12.673 -5.428  1.00 21.29  ? 18  GLY A N   1 
ATOM   125 C  CA  . GLY A 1 17 ? 1.076   -13.362 -5.412  1.00 19.56  ? 18  GLY A CA  1 
ATOM   126 C  C   . GLY A 1 17 ? 1.843   -12.970 -4.171  1.00 29.03  ? 18  GLY A C   1 
ATOM   127 O  O   . GLY A 1 17 ? 1.495   -12.013 -3.471  1.00 18.87  ? 18  GLY A O   1 
ATOM   128 N  N   . ASP A 1 18 ? 2.906   -13.732 -3.904  1.00 19.76  ? 19  ASP A N   1 
ATOM   129 C  CA  . ASP A 1 18 ? 3.700   -13.500 -2.703  1.00 19.46  ? 19  ASP A CA  1 
ATOM   130 C  C   . ASP A 1 18 ? 4.459   -12.181 -2.752  1.00 18.08  ? 19  ASP A C   1 
ATOM   131 O  O   . ASP A 1 18 ? 4.942   -11.723 -1.710  1.00 16.64  ? 19  ASP A O   1 
ATOM   132 C  CB  . ASP A 1 18 ? 4.679   -14.654 -2.489  1.00 19.59  ? 19  ASP A CB  1 
ATOM   133 C  CG  . ASP A 1 18 ? 3.984   -15.935 -2.073  1.00 28.81  ? 19  ASP A CG  1 
ATOM   134 O  OD1 . ASP A 1 18 ? 2.857   -15.857 -1.545  1.00 27.57  ? 19  ASP A OD1 1 
ATOM   135 O  OD2 . ASP A 1 18 ? 4.572   -17.019 -2.268  1.00 36.86  ? 19  ASP A OD2 1 
ATOM   136 N  N   . ASP A 1 19 ? 4.582   -11.567 -3.928  1.00 13.84  ? 20  ASP A N   1 
ATOM   137 C  CA  . ASP A 1 19 ? 5.201   -10.252 -4.042  1.00 17.45  ? 20  ASP A CA  1 
ATOM   138 C  C   . ASP A 1 19 ? 4.216   -9.115  -3.815  1.00 15.29  ? 20  ASP A C   1 
ATOM   139 O  O   . ASP A 1 19 ? 4.617   -7.949  -3.897  1.00 14.37  ? 20  ASP A O   1 
ATOM   140 C  CB  . ASP A 1 19 ? 5.859   -10.091 -5.417  1.00 22.41  ? 20  ASP A CB  1 
ATOM   141 C  CG  . ASP A 1 19 ? 4.916   -10.409 -6.562  1.00 23.10  ? 20  ASP A CG  1 
ATOM   142 O  OD1 . ASP A 1 19 ? 3.870   -11.044 -6.315  1.00 19.54  ? 20  ASP A OD1 1 
ATOM   143 O  OD2 . ASP A 1 19 ? 5.231   -10.035 -7.712  1.00 22.89  ? 20  ASP A OD2 1 
ATOM   144 N  N   . GLU A 1 20 ? 2.954   -9.421  -3.535  1.00 13.26  ? 21  GLU A N   1 
ATOM   145 C  CA  . GLU A 1 20 ? 1.932   -8.416  -3.294  1.00 12.75  ? 21  GLU A CA  1 
ATOM   146 C  C   . GLU A 1 20 ? 1.457   -8.478  -1.848  1.00 15.02  ? 21  GLU A C   1 
ATOM   147 O  O   . GLU A 1 20 ? 1.668   -9.467  -1.139  1.00 15.16  ? 21  GLU A O   1 
ATOM   148 C  CB  . GLU A 1 20 ? 0.741   -8.611  -4.236  1.00 14.75  ? 21  GLU A CB  1 
ATOM   149 C  CG  . GLU A 1 20 ? 1.091   -8.500  -5.711  1.00 16.34  ? 21  GLU A CG  1 
ATOM   150 C  CD  . GLU A 1 20 ? -0.105  -8.745  -6.611  1.00 18.93  ? 21  GLU A CD  1 
ATOM   151 O  OE1 . GLU A 1 20 ? -1.247  -8.729  -6.105  1.00 17.28  ? 21  GLU A OE1 1 
ATOM   152 O  OE2 . GLU A 1 20 ? 0.098   -8.961  -7.826  1.00 21.10  ? 21  GLU A OE2 1 
ATOM   153 N  N   . ILE A 1 21 ? 0.805   -7.401  -1.422  1.00 14.64  ? 22  ILE A N   1 
ATOM   154 C  CA  . ILE A 1 21 ? 0.214   -7.319  -0.097  1.00 13.17  ? 22  ILE A CA  1 
ATOM   155 C  C   . ILE A 1 21 ? -1.304  -7.261  -0.242  1.00 9.15   ? 22  ILE A C   1 
ATOM   156 O  O   . ILE A 1 21 ? -1.841  -7.013  -1.320  1.00 14.77  ? 22  ILE A O   1 
ATOM   157 C  CB  . ILE A 1 21 ? 0.737   -6.105  0.700   1.00 16.00  ? 22  ILE A CB  1 
ATOM   158 C  CG1 . ILE A 1 21 ? 0.529   -4.810  -0.089  1.00 15.81  ? 22  ILE A CG1 1 
ATOM   159 C  CG2 . ILE A 1 21 ? 2.209   -6.292  1.043   1.00 12.91  ? 22  ILE A CG2 1 
ATOM   160 C  CD1 . ILE A 1 21 ? 0.564   -3.564  0.761   1.00 13.05  ? 22  ILE A CD1 1 
ATOM   161 N  N   . SER A 1 22 ? -1.994  -7.494  0.870   1.00 14.59  ? 23  SER A N   1 
ATOM   162 C  CA  . SER A 1 22 ? -3.443  -7.385  0.933   1.00 18.91  ? 23  SER A CA  1 
ATOM   163 C  C   . SER A 1 22 ? -3.823  -6.287  1.915   1.00 13.33  ? 23  SER A C   1 
ATOM   164 O  O   . SER A 1 22 ? -3.087  -5.998  2.863   1.00 14.92  ? 23  SER A O   1 
ATOM   165 C  CB  . SER A 1 22 ? -4.082  -8.712  1.366   1.00 21.03  ? 23  SER A CB  1 
ATOM   166 O  OG  . SER A 1 22 ? -3.881  -9.720  0.391   1.00 24.52  ? 23  SER A OG  1 
ATOM   167 N  N   . PHE A 1 23 ? -4.975  -5.663  1.680   1.00 14.18  ? 24  PHE A N   1 
ATOM   168 C  CA  . PHE A 1 23 ? -5.503  -4.735  2.669   1.00 9.93   ? 24  PHE A CA  1 
ATOM   169 C  C   . PHE A 1 23 ? -7.011  -4.619  2.519   1.00 17.06  ? 24  PHE A C   1 
ATOM   170 O  O   . PHE A 1 23 ? -7.584  -4.922  1.467   1.00 15.34  ? 24  PHE A O   1 
ATOM   171 C  CB  . PHE A 1 23 ? -4.847  -3.350  2.576   1.00 9.26   ? 24  PHE A CB  1 
ATOM   172 C  CG  . PHE A 1 23 ? -4.683  -2.827  1.176   1.00 12.97  ? 24  PHE A CG  1 
ATOM   173 C  CD1 . PHE A 1 23 ? -5.780  -2.442  0.422   1.00 12.46  ? 24  PHE A CD1 1 
ATOM   174 C  CD2 . PHE A 1 23 ? -3.419  -2.681  0.629   1.00 15.68  ? 24  PHE A CD2 1 
ATOM   175 C  CE1 . PHE A 1 23 ? -5.620  -1.944  -0.859  1.00 11.70  ? 24  PHE A CE1 1 
ATOM   176 C  CE2 . PHE A 1 23 ? -3.251  -2.182  -0.648  1.00 13.44  ? 24  PHE A CE2 1 
ATOM   177 C  CZ  . PHE A 1 23 ? -4.353  -1.812  -1.393  1.00 13.90  ? 24  PHE A CZ  1 
ATOM   178 N  N   . ASP A 1 24 ? -7.636  -4.189  3.601   1.00 15.63  ? 25  ASP A N   1 
ATOM   179 C  CA  . ASP A 1 24 ? -9.050  -3.888  3.702   1.00 22.36  ? 25  ASP A CA  1 
ATOM   180 C  C   . ASP A 1 24 ? -9.268  -2.388  3.595   1.00 13.90  ? 25  ASP A C   1 
ATOM   181 O  O   . ASP A 1 24 ? -8.347  -1.598  3.826   1.00 15.27  ? 25  ASP A O   1 
ATOM   182 C  CB  . ASP A 1 24 ? -9.600  -4.393  5.041   1.00 17.01  ? 25  ASP A CB  1 
ATOM   183 C  CG  . ASP A 1 24 ? -9.276  -5.853  5.293   1.00 20.03  ? 25  ASP A CG  1 
ATOM   184 O  OD1 . ASP A 1 24 ? -9.380  -6.662  4.345   1.00 27.66  ? 25  ASP A OD1 1 
ATOM   185 O  OD2 . ASP A 1 24 ? -8.909  -6.193  6.438   1.00 29.53  ? 25  ASP A OD2 1 
ATOM   186 N  N   . PRO A 1 25 ? -10.478 -1.948  3.252   1.00 15.48  ? 26  PRO A N   1 
ATOM   187 C  CA  . PRO A 1 25 ? -10.744 -0.507  3.225   1.00 18.89  ? 26  PRO A CA  1 
ATOM   188 C  C   . PRO A 1 25 ? -10.356 0.137   4.547   1.00 14.50  ? 26  PRO A C   1 
ATOM   189 O  O   . PRO A 1 25 ? -10.531 -0.448  5.619   1.00 15.11  ? 26  PRO A O   1 
ATOM   190 C  CB  . PRO A 1 25 ? -12.254 -0.425  2.975   1.00 15.99  ? 26  PRO A CB  1 
ATOM   191 C  CG  . PRO A 1 25 ? -12.598 -1.706  2.306   1.00 16.36  ? 26  PRO A CG  1 
ATOM   192 C  CD  . PRO A 1 25 ? -11.656 -2.738  2.851   1.00 19.26  ? 26  PRO A CD  1 
ATOM   193 N  N   . ASP A 1 26 ? -9.800  1.344   4.462   1.00 15.87  ? 27  ASP A N   1 
ATOM   194 C  CA  . ASP A 1 26 ? -9.400  2.168   5.599   1.00 12.57  ? 27  ASP A CA  1 
ATOM   195 C  C   . ASP A 1 26 ? -8.123  1.676   6.279   1.00 13.28  ? 27  ASP A C   1 
ATOM   196 O  O   . ASP A 1 26 ? -7.684  2.304   7.248   1.00 16.01  ? 27  ASP A O   1 
ATOM   197 C  CB  . ASP A 1 26 ? -10.514 2.286   6.650   1.00 15.26  ? 27  ASP A CB  1 
ATOM   198 C  CG  . ASP A 1 26 ? -11.768 2.941   6.097   1.00 27.42  ? 27  ASP A CG  1 
ATOM   199 O  OD1 . ASP A 1 26 ? -11.636 3.878   5.284   1.00 19.67  ? 27  ASP A OD1 1 
ATOM   200 O  OD2 . ASP A 1 26 ? -12.884 2.519   6.468   1.00 28.96  ? 27  ASP A OD2 1 
ATOM   201 N  N   . ASP A 1 27 ? -7.511  0.589   5.810   1.00 12.25  ? 28  ASP A N   1 
ATOM   202 C  CA  . ASP A 1 27 ? -6.200  0.194   6.315   1.00 12.01  ? 28  ASP A CA  1 
ATOM   203 C  C   . ASP A 1 27 ? -5.146  1.219   5.906   1.00 13.89  ? 28  ASP A C   1 
ATOM   204 O  O   . ASP A 1 27 ? -5.283  1.916   4.897   1.00 12.94  ? 28  ASP A O   1 
ATOM   205 C  CB  . ASP A 1 27 ? -5.805  -1.187  5.788   1.00 13.57  ? 28  ASP A CB  1 
ATOM   206 C  CG  . ASP A 1 27 ? -6.446  -2.320  6.567   1.00 12.48  ? 28  ASP A CG  1 
ATOM   207 O  OD1 . ASP A 1 27 ? -6.863  -2.097  7.725   1.00 22.57  ? 28  ASP A OD1 1 
ATOM   208 O  OD2 . ASP A 1 27 ? -6.525  -3.440  6.020   1.00 14.57  ? 28  ASP A OD2 1 
ATOM   209 N  N   . ILE A 1 28 ? -4.082  1.299   6.699   1.00 10.72  ? 29  ILE A N   1 
ATOM   210 C  CA  . ILE A 1 28 ? -2.997  2.245   6.461   1.00 12.84  ? 29  ILE A CA  1 
ATOM   211 C  C   . ILE A 1 28 ? -1.842  1.516   5.791   1.00 16.45  ? 29  ILE A C   1 
ATOM   212 O  O   . ILE A 1 28 ? -1.401  0.460   6.263   1.00 12.92  ? 29  ILE A O   1 
ATOM   213 C  CB  . ILE A 1 28 ? -2.534  2.911   7.768   1.00 19.85  ? 29  ILE A CB  1 
ATOM   214 C  CG1 . ILE A 1 28 ? -3.727  3.497   8.527   1.00 17.60  ? 29  ILE A CG1 1 
ATOM   215 C  CG2 . ILE A 1 28 ? -1.510  3.997   7.457   1.00 24.47  ? 29  ILE A CG2 1 
ATOM   216 C  CD1 . ILE A 1 28 ? -3.368  4.083   9.882   1.00 33.42  ? 29  ILE A CD1 1 
ATOM   217 N  N   . ILE A 1 29 ? -1.349  2.084   4.694   1.00 14.15  ? 30  ILE A N   1 
ATOM   218 C  CA  . ILE A 1 29 ? -0.164  1.599   3.999   1.00 13.29  ? 30  ILE A CA  1 
ATOM   219 C  C   . ILE A 1 29 ? 0.937   2.633   4.193   1.00 15.12  ? 30  ILE A C   1 
ATOM   220 O  O   . ILE A 1 29 ? 0.722   3.826   3.950   1.00 13.10  ? 30  ILE A O   1 
ATOM   221 C  CB  . ILE A 1 29 ? -0.441  1.363   2.503   1.00 12.32  ? 30  ILE A CB  1 
ATOM   222 C  CG1 . ILE A 1 29 ? -1.632  0.415   2.316   1.00 15.08  ? 30  ILE A CG1 1 
ATOM   223 C  CG2 . ILE A 1 29 ? 0.789   0.796   1.809   1.00 14.21  ? 30  ILE A CG2 1 
ATOM   224 C  CD1 . ILE A 1 29 ? -2.968  1.115   2.195   1.00 24.47  ? 30  ILE A CD1 1 
ATOM   225 N  N   . THR A 1 30 ? 2.109   2.181   4.635   1.00 11.45  ? 31  THR A N   1 
ATOM   226 C  CA  . THR A 1 30 ? 3.218   3.068   4.960   1.00 12.92  ? 31  THR A CA  1 
ATOM   227 C  C   . THR A 1 30 ? 4.446   2.722   4.126   1.00 13.41  ? 31  THR A C   1 
ATOM   228 O  O   . THR A 1 30 ? 4.479   1.723   3.402   1.00 13.01  ? 31  THR A O   1 
ATOM   229 C  CB  . THR A 1 30 ? 3.576   2.987   6.450   1.00 16.99  ? 31  THR A CB  1 
ATOM   230 O  OG1 . THR A 1 30 ? 4.146   1.703   6.737   1.00 15.28  ? 31  THR A OG1 1 
ATOM   231 C  CG2 . THR A 1 30 ? 2.343   3.193   7.315   1.00 19.16  ? 31  THR A CG2 1 
ATOM   232 N  N   . ASN A 1 31 ? 5.469   3.573   4.248   1.00 15.02  ? 32  ASN A N   1 
ATOM   233 C  CA  . ASN A 1 31 ? 6.764   3.351   3.604   1.00 17.28  ? 32  ASN A CA  1 
ATOM   234 C  C   . ASN A 1 31 ? 6.595   3.107   2.107   1.00 11.84  ? 32  ASN A C   1 
ATOM   235 O  O   . ASN A 1 31 ? 7.222   2.220   1.523   1.00 13.75  ? 32  ASN A O   1 
ATOM   236 C  CB  . ASN A 1 31 ? 7.507   2.187   4.263   1.00 16.90  ? 32  ASN A CB  1 
ATOM   237 C  CG  . ASN A 1 31 ? 7.741   2.411   5.743   1.00 17.89  ? 32  ASN A CG  1 
ATOM   238 O  OD1 . ASN A 1 31 ? 6.948   1.985   6.581   1.00 18.75  ? 32  ASN A OD1 1 
ATOM   239 N  ND2 . ASN A 1 31 ? 8.837   3.085   6.073   1.00 22.78  ? 32  ASN A ND2 1 
ATOM   240 N  N   . ILE A 1 32 ? 5.753   3.919   1.477   1.00 15.26  ? 33  ILE A N   1 
ATOM   241 C  CA  . ILE A 1 32 ? 5.361   3.689   0.091   1.00 15.34  ? 33  ILE A CA  1 
ATOM   242 C  C   . ILE A 1 32 ? 6.498   4.094   -0.834  1.00 17.00  ? 33  ILE A C   1 
ATOM   243 O  O   . ILE A 1 32 ? 7.074   5.183   -0.699  1.00 12.40  ? 33  ILE A O   1 
ATOM   244 C  CB  . ILE A 1 32 ? 4.068   4.453   -0.237  1.00 20.28  ? 33  ILE A CB  1 
ATOM   245 C  CG1 . ILE A 1 32 ? 2.892   3.795   0.492   1.00 18.86  ? 33  ILE A CG1 1 
ATOM   246 C  CG2 . ILE A 1 32 ? 3.815   4.483   -1.748  1.00 15.59  ? 33  ILE A CG2 1 
ATOM   247 C  CD1 . ILE A 1 32 ? 1.584   4.550   0.393   1.00 13.25  ? 33  ILE A CD1 1 
ATOM   248 N  N   . GLU A 1 33 ? 6.825   3.213   -1.777  1.00 11.92  ? 34  GLU A N   1 
ATOM   249 C  CA  . GLU A 1 33 ? 7.763   3.489   -2.858  1.00 15.71  ? 34  GLU A CA  1 
ATOM   250 C  C   . GLU A 1 33 ? 6.989   3.439   -4.170  1.00 15.48  ? 34  GLU A C   1 
ATOM   251 O  O   . GLU A 1 33 ? 6.364   2.420   -4.483  1.00 15.47  ? 34  GLU A O   1 
ATOM   252 C  CB  . GLU A 1 33 ? 8.906   2.472   -2.882  1.00 23.76  ? 34  GLU A CB  1 
ATOM   253 C  CG  . GLU A 1 33 ? 9.545   2.190   -1.531  1.00 24.16  ? 34  GLU A CG  1 
ATOM   254 C  CD  . GLU A 1 33 ? 10.439  0.964   -1.565  1.00 26.89  ? 34  GLU A CD  1 
ATOM   255 O  OE1 . GLU A 1 33 ? 11.260  0.852   -2.500  1.00 29.76  ? 34  GLU A OE1 1 
ATOM   256 O  OE2 . GLU A 1 33 ? 10.309  0.103   -0.668  1.00 30.69  ? 34  GLU A OE2 1 
ATOM   257 N  N   . MET A 1 34 ? 7.029   4.532   -4.930  1.00 19.21  ? 35  MET A N   1 
ATOM   258 C  CA  . MET A 1 34 ? 6.298   4.614   -6.197  1.00 16.86  ? 35  MET A CA  1 
ATOM   259 C  C   . MET A 1 34 ? 7.200   4.127   -7.331  1.00 21.35  ? 35  MET A C   1 
ATOM   260 O  O   . MET A 1 34 ? 7.731   4.891   -8.137  1.00 30.35  ? 35  MET A O   1 
ATOM   261 C  CB  . MET A 1 34 ? 5.810   6.035   -6.437  1.00 18.63  ? 35  MET A CB  1 
ATOM   262 C  CG  . MET A 1 34 ? 4.954   6.593   -5.311  1.00 25.80  ? 35  MET A CG  1 
ATOM   263 S  SD  . MET A 1 34 ? 4.286   8.222   -5.694  1.00 25.54  ? 35  MET A SD  1 
ATOM   264 C  CE  . MET A 1 34 ? 3.367   8.574   -4.193  1.00 21.67  ? 35  MET A CE  1 
ATOM   265 N  N   . ILE A 1 35 ? 7.353   2.804   -7.388  1.00 27.26  ? 36  ILE A N   1 
ATOM   266 C  CA  . ILE A 1 35 ? 8.317   2.217   -8.312  1.00 30.75  ? 36  ILE A CA  1 
ATOM   267 C  C   . ILE A 1 35 ? 7.801   2.275   -9.746  1.00 26.39  ? 36  ILE A C   1 
ATOM   268 O  O   . ILE A 1 35 ? 8.595   2.270   -10.694 1.00 35.90  ? 36  ILE A O   1 
ATOM   269 C  CB  . ILE A 1 35 ? 8.654   0.780   -7.873  1.00 32.72  ? 36  ILE A CB  1 
ATOM   270 C  CG1 . ILE A 1 35 ? 7.373   -0.062  -7.828  1.00 29.00  ? 36  ILE A CG1 1 
ATOM   271 C  CG2 . ILE A 1 35 ? 9.362   0.802   -6.511  1.00 34.95  ? 36  ILE A CG2 1 
ATOM   272 C  CD1 . ILE A 1 35 ? 7.572   -1.510  -7.514  1.00 44.51  ? 36  ILE A CD1 1 
ATOM   273 N  N   . ASP A 1 36 ? 6.486   2.335   -9.936  1.00 28.70  ? 37  ASP A N   1 
ATOM   274 C  CA  . ASP A 1 36 ? 5.917   2.621   -11.249 1.00 31.12  ? 37  ASP A CA  1 
ATOM   275 C  C   . ASP A 1 36 ? 4.554   3.275   -11.056 1.00 30.20  ? 37  ASP A C   1 
ATOM   276 O  O   . ASP A 1 36 ? 4.069   3.432   -9.931  1.00 29.18  ? 37  ASP A O   1 
ATOM   277 C  CB  . ASP A 1 36 ? 5.830   1.358   -12.114 1.00 33.41  ? 37  ASP A CB  1 
ATOM   278 C  CG  . ASP A 1 36 ? 4.758   0.399   -11.652 1.00 36.35  ? 37  ASP A CG  1 
ATOM   279 O  OD1 . ASP A 1 36 ? 4.972   -0.279  -10.626 1.00 51.23  ? 37  ASP A OD1 1 
ATOM   280 O  OD2 . ASP A 1 36 ? 3.709   0.306   -12.326 1.00 26.84  ? 37  ASP A OD2 1 
ATOM   281 N  N   . ASP A 1 37 ? 3.935   3.665   -12.172 1.00 28.77  ? 38  ASP A N   1 
ATOM   282 C  CA  . ASP A 1 37 ? 2.724   4.477   -12.108 1.00 28.57  ? 38  ASP A CA  1 
ATOM   283 C  C   . ASP A 1 37 ? 1.503   3.662   -11.709 1.00 28.50  ? 38  ASP A C   1 
ATOM   284 O  O   . ASP A 1 37 ? 0.553   4.214   -11.140 1.00 29.11  ? 38  ASP A O   1 
ATOM   285 C  CB  . ASP A 1 37 ? 2.473   5.160   -13.454 1.00 43.66  ? 38  ASP A CB  1 
ATOM   286 C  CG  . ASP A 1 37 ? 2.293   4.170   -14.588 1.00 43.54  ? 38  ASP A CG  1 
ATOM   287 O  OD1 . ASP A 1 37 ? 2.956   3.114   -14.564 1.00 44.33  ? 38  ASP A OD1 1 
ATOM   288 O  OD2 . ASP A 1 37 ? 1.489   4.449   -15.503 1.00 51.70  ? 38  ASP A OD2 1 
ATOM   289 N  N   . GLY A 1 38 ? 1.505   2.363   -11.990 1.00 21.80  ? 39  GLY A N   1 
ATOM   290 C  CA  . GLY A 1 38 ? 0.359   1.530   -11.690 1.00 19.54  ? 39  GLY A CA  1 
ATOM   291 C  C   . GLY A 1 38 ? 0.498   0.764   -10.392 1.00 14.93  ? 39  GLY A C   1 
ATOM   292 O  O   . GLY A 1 38 ? -0.498  0.498   -9.709  1.00 13.93  ? 39  GLY A O   1 
ATOM   293 N  N   . TRP A 1 39 ? 1.729   0.411   -10.031 1.00 17.17  ? 40  TRP A N   1 
ATOM   294 C  CA  . TRP A 1 39 ? 1.984   -0.437  -8.874  1.00 11.96  ? 40  TRP A CA  1 
ATOM   295 C  C   . TRP A 1 39 ? 3.018   0.212   -7.971  1.00 13.73  ? 40  TRP A C   1 
ATOM   296 O  O   . TRP A 1 39 ? 4.091   0.613   -8.431  1.00 14.28  ? 40  TRP A O   1 
ATOM   297 C  CB  . TRP A 1 39 ? 2.451   -1.826  -9.321  1.00 13.47  ? 40  TRP A CB  1 
ATOM   298 C  CG  . TRP A 1 39 ? 1.356   -2.593  -9.973  1.00 11.69  ? 40  TRP A CG  1 
ATOM   299 C  CD1 . TRP A 1 39 ? 0.955   -2.506  -11.276 1.00 20.39  ? 40  TRP A CD1 1 
ATOM   300 C  CD2 . TRP A 1 39 ? 0.499   -3.556  -9.352  1.00 14.48  ? 40  TRP A CD2 1 
ATOM   301 N  NE1 . TRP A 1 39 ? -0.097  -3.360  -11.502 1.00 15.45  ? 40  TRP A NE1 1 
ATOM   302 C  CE2 . TRP A 1 39 ? -0.395  -4.016  -10.337 1.00 16.03  ? 40  TRP A CE2 1 
ATOM   303 C  CE3 . TRP A 1 39 ? 0.402   -4.076  -8.058  1.00 19.48  ? 40  TRP A CE3 1 
ATOM   304 C  CZ2 . TRP A 1 39 ? -1.371  -4.973  -10.069 1.00 18.46  ? 40  TRP A CZ2 1 
ATOM   305 C  CZ3 . TRP A 1 39 ? -0.567  -5.024  -7.796  1.00 20.03  ? 40  TRP A CZ3 1 
ATOM   306 C  CH2 . TRP A 1 39 ? -1.438  -5.463  -8.796  1.00 18.58  ? 40  TRP A CH2 1 
ATOM   307 N  N   . TRP A 1 40 ? 2.680   0.324   -6.691  1.00 12.33  ? 41  TRP A N   1 
ATOM   308 C  CA  . TRP A 1 40 ? 3.579   0.827   -5.666  1.00 9.75   ? 41  TRP A CA  1 
ATOM   309 C  C   . TRP A 1 40 ? 3.965   -0.310  -4.729  1.00 12.33  ? 41  TRP A C   1 
ATOM   310 O  O   . TRP A 1 40 ? 3.400   -1.406  -4.774  1.00 13.04  ? 41  TRP A O   1 
ATOM   311 C  CB  . TRP A 1 40 ? 2.923   1.966   -4.878  1.00 11.33  ? 41  TRP A CB  1 
ATOM   312 C  CG  . TRP A 1 40 ? 2.589   3.168   -5.703  1.00 15.89  ? 41  TRP A CG  1 
ATOM   313 C  CD1 . TRP A 1 40 ? 3.037   3.456   -6.961  1.00 14.70  ? 41  TRP A CD1 1 
ATOM   314 C  CD2 . TRP A 1 40 ? 1.732   4.251   -5.325  1.00 13.58  ? 41  TRP A CD2 1 
ATOM   315 N  NE1 . TRP A 1 40 ? 2.514   4.654   -7.387  1.00 15.61  ? 41  TRP A NE1 1 
ATOM   316 C  CE2 . TRP A 1 40 ? 1.709   5.162   -6.400  1.00 10.34  ? 41  TRP A CE2 1 
ATOM   317 C  CE3 . TRP A 1 40 ? 0.982   4.540   -4.179  1.00 13.80  ? 41  TRP A CE3 1 
ATOM   318 C  CZ2 . TRP A 1 40 ? 0.961   6.339   -6.367  1.00 18.72  ? 41  TRP A CZ2 1 
ATOM   319 C  CZ3 . TRP A 1 40 ? 0.241   5.708   -4.147  1.00 15.98  ? 41  TRP A CZ3 1 
ATOM   320 C  CH2 . TRP A 1 40 ? 0.237   6.594   -5.234  1.00 15.35  ? 41  TRP A CH2 1 
ATOM   321 N  N   . ARG A 1 41 ? 4.940   -0.031  -3.872  1.00 11.20  ? 42  ARG A N   1 
ATOM   322 C  CA  . ARG A 1 41 ? 5.394   -0.973  -2.859  1.00 12.35  ? 42  ARG A CA  1 
ATOM   323 C  C   . ARG A 1 41 ? 5.332   -0.302  -1.496  1.00 14.45  ? 42  ARG A C   1 
ATOM   324 O  O   . ARG A 1 41 ? 5.626   0.890   -1.370  1.00 13.82  ? 42  ARG A O   1 
ATOM   325 C  CB  . ARG A 1 41 ? 6.820   -1.448  -3.155  1.00 15.40  ? 42  ARG A CB  1 
ATOM   326 C  CG  . ARG A 1 41 ? 7.313   -2.568  -2.260  1.00 18.36  ? 42  ARG A CG  1 
ATOM   327 C  CD  . ARG A 1 41 ? 8.508   -3.253  -2.893  1.00 21.50  ? 42  ARG A CD  1 
ATOM   328 N  NE  . ARG A 1 41 ? 9.622   -2.326  -3.080  1.00 25.65  ? 42  ARG A NE  1 
ATOM   329 C  CZ  . ARG A 1 41 ? 10.533  -2.422  -4.046  1.00 42.25  ? 42  ARG A CZ  1 
ATOM   330 N  NH1 . ARG A 1 41 ? 10.471  -3.401  -4.941  1.00 35.97  ? 42  ARG A NH1 1 
ATOM   331 N  NH2 . ARG A 1 41 ? 11.506  -1.526  -4.125  1.00 39.04  ? 42  ARG A NH2 1 
ATOM   332 N  N   . GLY A 1 42 ? 4.942   -1.063  -0.482  1.00 8.46   ? 43  GLY A N   1 
ATOM   333 C  CA  . GLY A 1 42 ? 4.818   -0.496  0.844   1.00 10.82  ? 43  GLY A CA  1 
ATOM   334 C  C   . GLY A 1 42 ? 4.544   -1.561  1.883   1.00 10.50  ? 43  GLY A C   1 
ATOM   335 O  O   . GLY A 1 42 ? 4.618   -2.761  1.610   1.00 11.52  ? 43  GLY A O   1 
ATOM   336 N  N   . VAL A 1 43 ? 4.219   -1.092  3.086   1.00 11.02  ? 44  VAL A N   1 
ATOM   337 C  CA  . VAL A 1 43 ? 3.990   -1.944  4.247   1.00 13.12  ? 44  VAL A CA  1 
ATOM   338 C  C   . VAL A 1 43 ? 2.556   -1.752  4.710   1.00 11.14  ? 44  VAL A C   1 
ATOM   339 O  O   . VAL A 1 43 ? 2.095   -0.614  4.859   1.00 12.78  ? 44  VAL A O   1 
ATOM   340 C  CB  . VAL A 1 43 ? 4.973   -1.621  5.388   1.00 16.75  ? 44  VAL A CB  1 
ATOM   341 C  CG1 . VAL A 1 43 ? 4.696   -2.499  6.609   1.00 18.97  ? 44  VAL A CG1 1 
ATOM   342 C  CG2 . VAL A 1 43 ? 6.400   -1.804  4.920   1.00 18.51  ? 44  VAL A CG2 1 
ATOM   343 N  N   . CYS A 1 44 ? 1.853   -2.860  4.945   1.00 11.43  ? 45  CYS A N   1 
ATOM   344 C  CA  . CYS A 1 44 ? 0.505   -2.817  5.501   1.00 11.51  ? 45  CYS A CA  1 
ATOM   345 C  C   . CYS A 1 44 ? 0.342   -3.979  6.464   1.00 14.96  ? 45  CYS A C   1 
ATOM   346 O  O   . CYS A 1 44 ? 0.430   -5.142  6.061   1.00 12.75  ? 45  CYS A O   1 
ATOM   347 C  CB  . CYS A 1 44 ? -0.570  -2.879  4.411   1.00 10.66  ? 45  CYS A CB  1 
ATOM   348 S  SG  . CYS A 1 44 ? -2.251  -2.629  5.046   1.00 14.59  ? 45  CYS A SG  1 
ATOM   349 N  N   . LYS A 1 45 ? 0.100   -3.657  7.731   1.00 15.32  ? 46  LYS A N   1 
ATOM   350 C  CA  . LYS A 1 45 ? -0.124  -4.663  8.765   1.00 14.80  ? 46  LYS A CA  1 
ATOM   351 C  C   . LYS A 1 45 ? 1.027   -5.665  8.810   1.00 15.78  ? 46  LYS A C   1 
ATOM   352 O  O   . LYS A 1 45 ? 0.826   -6.879  8.903   1.00 17.23  ? 46  LYS A O   1 
ATOM   353 C  CB  . LYS A 1 45 ? -1.467  -5.367  8.553   1.00 16.30  ? 46  LYS A CB  1 
ATOM   354 C  CG  . LYS A 1 45 ? -2.651  -4.403  8.572   1.00 17.75  ? 46  LYS A CG  1 
ATOM   355 C  CD  . LYS A 1 45 ? -3.990  -5.113  8.457   1.00 16.88  ? 46  LYS A CD  1 
ATOM   356 C  CE  . LYS A 1 45 ? -4.224  -5.657  7.058   1.00 18.68  ? 46  LYS A CE  1 
ATOM   357 N  NZ  . LYS A 1 45 ? -5.636  -6.096  6.871   1.00 19.59  ? 46  LYS A NZ  1 
ATOM   358 N  N   . GLY A 1 46 ? 2.251   -5.145  8.741   1.00 15.95  ? 47  GLY A N   1 
ATOM   359 C  CA  . GLY A 1 46 ? 3.442   -5.957  8.870   1.00 13.25  ? 47  GLY A CA  1 
ATOM   360 C  C   . GLY A 1 46 ? 3.847   -6.714  7.626   1.00 9.74   ? 47  GLY A C   1 
ATOM   361 O  O   . GLY A 1 46 ? 4.850   -7.437  7.664   1.00 13.53  ? 47  GLY A O   1 
ATOM   362 N  N   . ARG A 1 47 ? 3.103   -6.579  6.530   1.00 11.33  ? 48  ARG A N   1 
ATOM   363 C  CA  . ARG A 1 47 ? 3.426   -7.239  5.273   1.00 15.62  ? 48  ARG A CA  1 
ATOM   364 C  C   . ARG A 1 47 ? 4.036   -6.234  4.303   1.00 15.03  ? 48  ARG A C   1 
ATOM   365 O  O   . ARG A 1 47 ? 3.633   -5.067  4.264   1.00 14.17  ? 48  ARG A O   1 
ATOM   366 C  CB  . ARG A 1 47 ? 2.181   -7.873  4.647   1.00 14.97  ? 48  ARG A CB  1 
ATOM   367 C  CG  . ARG A 1 47 ? 1.475   -8.889  5.535   1.00 18.62  ? 48  ARG A CG  1 
ATOM   368 C  CD  . ARG A 1 47 ? 2.373   -10.068 5.856   1.00 31.95  ? 48  ARG A CD  1 
ATOM   369 N  NE  . ARG A 1 47 ? 1.741   -11.349 5.550   1.00 58.13  ? 48  ARG A NE  1 
ATOM   370 C  CZ  . ARG A 1 47 ? 0.938   -12.014 6.377   1.00 61.36  ? 48  ARG A CZ  1 
ATOM   371 N  NH1 . ARG A 1 47 ? 0.652   -11.526 7.578   1.00 60.32  ? 48  ARG A NH1 1 
ATOM   372 N  NH2 . ARG A 1 47 ? 0.414   -13.173 6.001   1.00 60.54  ? 48  ARG A NH2 1 
ATOM   373 N  N   . TYR A 1 48 ? 4.992   -6.707  3.508   1.00 12.10  ? 49  TYR A N   1 
ATOM   374 C  CA  . TYR A 1 48 ? 5.757   -5.880  2.584   1.00 13.62  ? 49  TYR A CA  1 
ATOM   375 C  C   . TYR A 1 48 ? 5.549   -6.399  1.170   1.00 12.65  ? 49  TYR A C   1 
ATOM   376 O  O   . TYR A 1 48 ? 5.658   -7.605  0.929   1.00 15.95  ? 49  TYR A O   1 
ATOM   377 C  CB  . TYR A 1 48 ? 7.248   -5.911  2.954   1.00 10.14  ? 49  TYR A CB  1 
ATOM   378 C  CG  . TYR A 1 48 ? 8.172   -5.222  1.977   1.00 14.16  ? 49  TYR A CG  1 
ATOM   379 C  CD1 . TYR A 1 48 ? 8.478   -3.873  2.111   1.00 20.75  ? 49  TYR A CD1 1 
ATOM   380 C  CD2 . TYR A 1 48 ? 8.762   -5.927  0.936   1.00 13.00  ? 49  TYR A CD2 1 
ATOM   381 C  CE1 . TYR A 1 48 ? 9.335   -3.245  1.226   1.00 26.59  ? 49  TYR A CE1 1 
ATOM   382 C  CE2 . TYR A 1 48 ? 9.617   -5.307  0.049   1.00 17.13  ? 49  TYR A CE2 1 
ATOM   383 C  CZ  . TYR A 1 48 ? 9.902   -3.968  0.199   1.00 19.31  ? 49  TYR A CZ  1 
ATOM   384 O  OH  . TYR A 1 48 ? 10.753  -3.345  -0.683  1.00 29.13  ? 49  TYR A OH  1 
ATOM   385 N  N   . GLY A 1 49 ? 5.245   -5.503  0.238   1.00 16.08  ? 50  GLY A N   1 
ATOM   386 C  CA  . GLY A 1 49 ? 5.155   -5.895  -1.148  1.00 12.25  ? 50  GLY A CA  1 
ATOM   387 C  C   . GLY A 1 49 ? 4.348   -4.911  -1.982  1.00 11.98  ? 50  GLY A C   1 
ATOM   388 O  O   . GLY A 1 49 ? 4.079   -3.782  -1.571  1.00 8.35   ? 50  GLY A O   1 
ATOM   389 N  N   . LEU A 1 50 ? 3.970   -5.387  -3.160  1.00 12.99  ? 51  LEU A N   1 
ATOM   390 C  CA  . LEU A 1 50 ? 3.359   -4.571  -4.199  1.00 12.89  ? 51  LEU A CA  1 
ATOM   391 C  C   . LEU A 1 50 ? 1.846   -4.498  -4.040  1.00 11.86  ? 51  LEU A C   1 
ATOM   392 O  O   . LEU A 1 50 ? 1.213   -5.409  -3.502  1.00 13.03  ? 51  LEU A O   1 
ATOM   393 C  CB  . LEU A 1 50 ? 3.697   -5.147  -5.572  1.00 14.86  ? 51  LEU A CB  1 
ATOM   394 C  CG  . LEU A 1 50 ? 5.189   -5.229  -5.896  1.00 17.91  ? 51  LEU A CG  1 
ATOM   395 C  CD1 . LEU A 1 50 ? 5.469   -6.123  -7.088  1.00 21.23  ? 51  LEU A CD1 1 
ATOM   396 C  CD2 . LEU A 1 50 ? 5.694   -3.840  -6.176  1.00 21.70  ? 51  LEU A CD2 1 
ATOM   397 N  N   . PHE A 1 51 ? 1.273   -3.409  -4.546  1.00 12.97  ? 52  PHE A N   1 
ATOM   398 C  CA  . PHE A 1 51 ? -0.172  -3.207  -4.522  1.00 16.53  ? 52  PHE A CA  1 
ATOM   399 C  C   . PHE A 1 51 ? -0.530  -2.180  -5.583  1.00 9.53   ? 52  PHE A C   1 
ATOM   400 O  O   . PHE A 1 51 ? 0.301   -1.341  -5.953  1.00 10.59  ? 52  PHE A O   1 
ATOM   401 C  CB  . PHE A 1 51 ? -0.644  -2.744  -3.137  1.00 13.53  ? 52  PHE A CB  1 
ATOM   402 C  CG  . PHE A 1 51 ? -0.126  -1.390  -2.743  1.00 14.73  ? 52  PHE A CG  1 
ATOM   403 C  CD1 . PHE A 1 51 ? -0.832  -0.244  -3.062  1.00 9.69   ? 52  PHE A CD1 1 
ATOM   404 C  CD2 . PHE A 1 51 ? 1.069   -1.263  -2.057  1.00 12.90  ? 52  PHE A CD2 1 
ATOM   405 C  CE1 . PHE A 1 51 ? -0.360  1.003   -2.703  1.00 10.35  ? 52  PHE A CE1 1 
ATOM   406 C  CE2 . PHE A 1 51 ? 1.547   -0.018  -1.696  1.00 11.58  ? 52  PHE A CE2 1 
ATOM   407 C  CZ  . PHE A 1 51 ? 0.829   1.116   -2.018  1.00 11.56  ? 52  PHE A CZ  1 
ATOM   408 N  N   . PRO A 1 52 ? -1.765  -2.209  -6.093  1.00 11.91  ? 53  PRO A N   1 
ATOM   409 C  CA  . PRO A 1 52 ? -2.163  -1.255  -7.137  1.00 13.31  ? 53  PRO A CA  1 
ATOM   410 C  C   . PRO A 1 52 ? -2.342  0.152   -6.575  1.00 9.68   ? 53  PRO A C   1 
ATOM   411 O  O   . PRO A 1 52 ? -3.045  0.359   -5.583  1.00 12.44  ? 53  PRO A O   1 
ATOM   412 C  CB  . PRO A 1 52 ? -3.481  -1.829  -7.670  1.00 14.69  ? 53  PRO A CB  1 
ATOM   413 C  CG  . PRO A 1 52 ? -4.001  -2.697  -6.578  1.00 15.66  ? 53  PRO A CG  1 
ATOM   414 C  CD  . PRO A 1 52 ? -2.832  -3.178  -5.776  1.00 16.31  ? 53  PRO A CD  1 
ATOM   415 N  N   . ALA A 1 53 ? -1.711  1.123   -7.239  1.00 12.93  ? 54  ALA A N   1 
ATOM   416 C  CA  . ALA A 1 53 ? -1.661  2.484   -6.714  1.00 9.76   ? 54  ALA A CA  1 
ATOM   417 C  C   . ALA A 1 53 ? -3.050  3.098   -6.597  1.00 8.73   ? 54  ALA A C   1 
ATOM   418 O  O   . ALA A 1 53 ? -3.334  3.826   -5.640  1.00 15.95  ? 54  ALA A O   1 
ATOM   419 C  CB  . ALA A 1 53 ? -0.778  3.352   -7.607  1.00 12.62  ? 54  ALA A CB  1 
ATOM   420 N  N   . ASN A 1 54 ? -3.927  2.827   -7.560  1.00 11.60  ? 55  ASN A N   1 
ATOM   421 C  CA  . ASN A 1 54 ? -5.236  3.471   -7.579  1.00 12.31  ? 55  ASN A CA  1 
ATOM   422 C  C   . ASN A 1 54 ? -6.194  2.909   -6.536  1.00 12.85  ? 55  ASN A C   1 
ATOM   423 O  O   . ASN A 1 54 ? -7.326  3.395   -6.436  1.00 18.99  ? 55  ASN A O   1 
ATOM   424 C  CB  . ASN A 1 54 ? -5.855  3.355   -8.974  1.00 16.93  ? 55  ASN A CB  1 
ATOM   425 C  CG  . ASN A 1 54 ? -6.406  1.976   -9.257  1.00 33.05  ? 55  ASN A CG  1 
ATOM   426 O  OD1 . ASN A 1 54 ? -5.658  1.003   -9.357  1.00 28.60  ? 55  ASN A OD1 1 
ATOM   427 N  ND2 . ASN A 1 54 ? -7.723  1.886   -9.406  1.00 39.55  ? 55  ASN A ND2 1 
ATOM   428 N  N   . TYR A 1 55 ? -5.775  1.913   -5.758  1.00 14.21  ? 56  TYR A N   1 
ATOM   429 C  CA  . TYR A 1 55 ? -6.587  1.380   -4.672  1.00 13.32  ? 56  TYR A CA  1 
ATOM   430 C  C   . TYR A 1 55 ? -6.362  2.104   -3.352  1.00 13.81  ? 56  TYR A C   1 
ATOM   431 O  O   . TYR A 1 55 ? -6.992  1.741   -2.352  1.00 13.48  ? 56  TYR A O   1 
ATOM   432 C  CB  . TYR A 1 55 ? -6.297  -0.112  -4.479  1.00 12.40  ? 56  TYR A CB  1 
ATOM   433 C  CG  . TYR A 1 55 ? -7.039  -1.021  -5.431  1.00 11.55  ? 56  TYR A CG  1 
ATOM   434 C  CD1 . TYR A 1 55 ? -6.943  -0.851  -6.805  1.00 16.78  ? 56  TYR A CD1 1 
ATOM   435 C  CD2 . TYR A 1 55 ? -7.825  -2.061  -4.954  1.00 14.80  ? 56  TYR A CD2 1 
ATOM   436 C  CE1 . TYR A 1 55 ? -7.618  -1.685  -7.678  1.00 18.74  ? 56  TYR A CE1 1 
ATOM   437 C  CE2 . TYR A 1 55 ? -8.503  -2.900  -5.817  1.00 26.06  ? 56  TYR A CE2 1 
ATOM   438 C  CZ  . TYR A 1 55 ? -8.394  -2.710  -7.178  1.00 17.25  ? 56  TYR A CZ  1 
ATOM   439 O  OH  . TYR A 1 55 ? -9.069  -3.544  -8.043  1.00 23.63  ? 56  TYR A OH  1 
ATOM   440 N  N   . VAL A 1 56 ? -5.485  3.109   -3.315  1.00 10.75  ? 57  VAL A N   1 
ATOM   441 C  CA  . VAL A 1 56 ? -5.190  3.828   -2.084  1.00 10.71  ? 57  VAL A CA  1 
ATOM   442 C  C   . VAL A 1 56 ? -5.296  5.326   -2.335  1.00 16.82  ? 57  VAL A C   1 
ATOM   443 O  O   . VAL A 1 56 ? -5.322  5.795   -3.475  1.00 13.34  ? 57  VAL A O   1 
ATOM   444 C  CB  . VAL A 1 56 ? -3.794  3.474   -1.515  1.00 11.79  ? 57  VAL A CB  1 
ATOM   445 C  CG1 . VAL A 1 56 ? -3.638  1.966   -1.400  1.00 14.69  ? 57  VAL A CG1 1 
ATOM   446 C  CG2 . VAL A 1 56 ? -2.672  4.068   -2.370  1.00 9.45   ? 57  VAL A CG2 1 
ATOM   447 N  N   . GLU A 1 57 ? -5.360  6.074   -1.236  1.00 12.64  ? 58  GLU A N   1 
ATOM   448 C  CA  . GLU A 1 57 ? -5.432  7.529   -1.256  1.00 17.34  ? 58  GLU A CA  1 
ATOM   449 C  C   . GLU A 1 57 ? -4.331  8.062   -0.354  1.00 14.05  ? 58  GLU A C   1 
ATOM   450 O  O   . GLU A 1 57 ? -4.289  7.730   0.836   1.00 14.79  ? 58  GLU A O   1 
ATOM   451 C  CB  . GLU A 1 57 ? -6.811  8.012   -0.791  1.00 18.42  ? 58  GLU A CB  1 
ATOM   452 C  CG  . GLU A 1 57 ? -6.937  9.518   -0.604  1.00 18.28  ? 58  GLU A CG  1 
ATOM   453 C  CD  . GLU A 1 57 ? -8.347  9.940   -0.227  1.00 29.42  ? 58  GLU A CD  1 
ATOM   454 O  OE1 . GLU A 1 57 ? -9.219  9.965   -1.121  1.00 20.84  ? 58  GLU A OE1 1 
ATOM   455 O  OE2 . GLU A 1 57 ? -8.584  10.234  0.963   1.00 32.11  ? 58  GLU A OE2 1 
ATOM   456 N  N   . LEU A 1 58 ? -3.437  8.871   -0.920  1.00 13.91  ? 59  LEU A N   1 
ATOM   457 C  CA  . LEU A 1 58 ? -2.307  9.386   -0.159  1.00 14.99  ? 59  LEU A CA  1 
ATOM   458 C  C   . LEU A 1 58 ? -2.782  10.312  0.953   1.00 16.26  ? 59  LEU A C   1 
ATOM   459 O  O   . LEU A 1 58 ? -3.738  11.075  0.786   1.00 20.30  ? 59  LEU A O   1 
ATOM   460 C  CB  . LEU A 1 58 ? -1.340  10.127  -1.086  1.00 16.49  ? 59  LEU A CB  1 
ATOM   461 C  CG  . LEU A 1 58 ? -0.550  9.266   -2.078  1.00 18.06  ? 59  LEU A CG  1 
ATOM   462 C  CD1 . LEU A 1 58 ? 0.184   10.144  -3.075  1.00 19.42  ? 59  LEU A CD1 1 
ATOM   463 C  CD2 . LEU A 1 58 ? 0.430   8.361   -1.351  1.00 17.71  ? 59  LEU A CD2 1 
ATOM   464 N  N   . ARG A 1 59 ? -2.110  10.236  2.099   1.00 19.86  ? 60  ARG A N   1 
ATOM   465 C  CA  . ARG A 1 59 ? -2.425  11.081  3.243   1.00 40.66  ? 60  ARG A CA  1 
ATOM   466 C  C   . ARG A 1 59 ? -1.618  12.370  3.156   1.00 79.94  ? 60  ARG A C   1 
ATOM   467 O  O   . ARG A 1 59 ? -0.409  12.336  2.905   1.00 90.88  ? 60  ARG A O   1 
ATOM   468 C  CB  . ARG A 1 59 ? -2.120  10.357  4.557   1.00 37.95  ? 60  ARG A CB  1 
ATOM   469 C  CG  . ARG A 1 59 ? -2.715  8.959   4.653   1.00 36.36  ? 60  ARG A CG  1 
ATOM   470 C  CD  . ARG A 1 59 ? -3.368  8.703   6.007   1.00 44.94  ? 60  ARG A CD  1 
ATOM   471 N  NE  . ARG A 1 59 ? -2.482  8.982   7.135   1.00 46.47  ? 60  ARG A NE  1 
ATOM   472 C  CZ  . ARG A 1 59 ? -2.752  8.659   8.396   1.00 41.93  ? 60  ARG A CZ  1 
ATOM   473 N  NH1 . ARG A 1 59 ? -1.887  8.955   9.356   1.00 46.71  ? 60  ARG A NH1 1 
ATOM   474 N  NH2 . ARG A 1 59 ? -3.888  8.043   8.704   1.00 33.70  ? 60  ARG A NH2 1 
ATOM   475 N  N   . GLN A 1 60 ? -2.289  13.500  3.361   1.00 109.72 ? 61  GLN A N   1 
ATOM   476 C  CA  . GLN A 1 60 ? -1.647  14.811  3.267   1.00 125.39 ? 61  GLN A CA  1 
ATOM   477 C  C   . GLN A 1 60 ? -0.901  14.980  1.945   1.00 121.33 ? 61  GLN A C   1 
ATOM   478 O  O   . GLN A 1 60 ? -0.186  15.962  1.748   1.00 122.65 ? 61  GLN A O   1 
ATOM   479 C  CB  . GLN A 1 60 ? -0.684  15.027  4.439   1.00 127.20 ? 61  GLN A CB  1 
ATOM   480 C  CG  . GLN A 1 60 ? -1.375  15.284  5.768   1.00 139.35 ? 61  GLN A CG  1 
ATOM   481 C  CD  . GLN A 1 60 ? -0.419  15.772  6.839   1.00 134.70 ? 61  GLN A CD  1 
ATOM   482 O  OE1 . GLN A 1 60 ? 0.792   15.832  6.627   1.00 130.48 ? 61  GLN A OE1 1 
ATOM   483 N  NE2 . GLN A 1 60 ? -0.961  16.131  7.998   1.00 134.84 ? 61  GLN A NE2 1 
ATOM   484 O  OXT . GLN A 1 60 ? -0.987  14.143  1.045   1.00 121.32 ? 61  GLN A OXT 1 
HETATM 485 O  O1  . MES B 2 .  ? 1.559   -13.057 -9.295  1.00 42.04  ? 101 MES A O1  1 
HETATM 486 C  C2  . MES B 2 .  ? 0.512   -12.213 -9.769  1.00 46.97  ? 101 MES A C2  1 
HETATM 487 C  C3  . MES B 2 .  ? 0.946   -11.428 -11.006 1.00 42.96  ? 101 MES A C3  1 
HETATM 488 N  N4  . MES B 2 .  ? 2.195   -10.740 -10.713 1.00 45.53  ? 101 MES A N4  1 
HETATM 489 C  C5  . MES B 2 .  ? 3.257   -11.603 -10.213 1.00 43.45  ? 101 MES A C5  1 
HETATM 490 C  C6  . MES B 2 .  ? 2.733   -12.318 -8.976  1.00 45.87  ? 101 MES A C6  1 
HETATM 491 C  C7  . MES B 2 .  ? 2.644   -9.883  -11.802 1.00 40.09  ? 101 MES A C7  1 
HETATM 492 C  C8  . MES B 2 .  ? 2.019   -8.504  -11.607 1.00 61.52  ? 101 MES A C8  1 
HETATM 493 S  S   . MES B 2 .  ? 2.794   -7.611  -10.438 1.00 86.17  ? 101 MES A S   1 
HETATM 494 O  O1S . MES B 2 .  ? 2.701   -6.176  -10.796 1.00 45.64  ? 101 MES A O1S 1 
HETATM 495 O  O2S . MES B 2 .  ? 2.120   -7.825  -9.139  1.00 45.10  ? 101 MES A O2S 1 
HETATM 496 O  O3S . MES B 2 .  ? 4.216   -8.008  -10.326 1.00 59.99  ? 101 MES A O3S 1 
HETATM 497 C  C1  . GOL C 3 .  ? 3.087   -1.549  10.727  1.00 36.37  ? 102 GOL A C1  1 
HETATM 498 O  O1  . GOL C 3 .  ? 2.650   -2.071  9.494   1.00 26.71  ? 102 GOL A O1  1 
HETATM 499 C  C2  . GOL C 3 .  ? 4.065   -0.405  10.491  1.00 43.19  ? 102 GOL A C2  1 
HETATM 500 O  O2  . GOL C 3 .  ? 5.387   -0.889  10.572  1.00 41.17  ? 102 GOL A O2  1 
HETATM 501 C  C3  . GOL C 3 .  ? 3.831   0.209   9.117   1.00 41.30  ? 102 GOL A C3  1 
HETATM 502 O  O3  . GOL C 3 .  ? 2.449   0.291   8.853   1.00 32.82  ? 102 GOL A O3  1 
HETATM 503 MG MG  . MG  D 4 .  ? -9.806  -7.920  2.762   1.00 27.61  ? 103 MG  A MG  1 
HETATM 504 O  O   . HOH E 5 .  ? 0.028   5.990   -10.229 1.00 40.60  ? 201 HOH A O   1 
HETATM 505 O  O   . HOH E 5 .  ? 1.404   16.531  0.504   1.00 20.64  ? 202 HOH A O   1 
HETATM 506 O  O   . HOH E 5 .  ? 6.297   -7.436  -10.739 1.00 44.40  ? 203 HOH A O   1 
HETATM 507 O  O   . HOH E 5 .  ? 4.205   9.041   12.082  1.00 39.31  ? 204 HOH A O   1 
HETATM 508 O  O   . HOH E 5 .  ? 11.964  2.180   -4.147  1.00 43.20  ? 205 HOH A O   1 
HETATM 509 O  O   . HOH E 5 .  ? 1.980   1.497   -15.834 1.00 31.95  ? 206 HOH A O   1 
HETATM 510 O  O   . HOH E 5 .  ? 2.212   0.080   -14.233 1.00 23.33  ? 207 HOH A O   1 
HETATM 511 O  O   . HOH E 5 .  ? -0.387  7.775   7.800   1.00 43.57  ? 208 HOH A O   1 
HETATM 512 O  O   . HOH E 5 .  ? -8.636  9.624   -3.525  1.00 21.12  ? 209 HOH A O   1 
HETATM 513 O  O   . HOH E 5 .  ? -3.289  1.110   -10.159 1.00 27.62  ? 210 HOH A O   1 
HETATM 514 O  O   . HOH E 5 .  ? 6.843   -17.433 -3.257  1.00 31.29  ? 211 HOH A O   1 
HETATM 515 O  O   . HOH E 5 .  ? 9.043   0.429   1.498   1.00 33.27  ? 212 HOH A O   1 
HETATM 516 O  O   . HOH E 5 .  ? -6.708  -0.521  9.704   1.00 37.28  ? 213 HOH A O   1 
HETATM 517 O  O   . HOH E 5 .  ? -1.149  -9.005  -10.045 1.00 24.62  ? 214 HOH A O   1 
HETATM 518 O  O   . HOH E 5 .  ? -1.287  -6.760  4.509   1.00 16.40  ? 215 HOH A O   1 
HETATM 519 O  O   . HOH E 5 .  ? 6.863   -9.221  -0.767  1.00 24.63  ? 216 HOH A O   1 
HETATM 520 O  O   . HOH E 5 .  ? -10.402 -9.329  1.500   1.00 34.63  ? 217 HOH A O   1 
HETATM 521 O  O   . HOH E 5 .  ? -11.166 4.309   2.709   1.00 21.81  ? 218 HOH A O   1 
HETATM 522 O  O   . HOH E 5 .  ? -9.421  4.917   -7.034  1.00 20.79  ? 219 HOH A O   1 
HETATM 523 O  O   . HOH E 5 .  ? -9.152  -9.309  4.132   1.00 32.57  ? 220 HOH A O   1 
HETATM 524 O  O   . HOH E 5 .  ? 5.397   -17.585 -4.761  1.00 25.17  ? 221 HOH A O   1 
HETATM 525 O  O   . HOH E 5 .  ? -9.412  -0.957  8.010   1.00 16.20  ? 222 HOH A O   1 
HETATM 526 O  O   . HOH E 5 .  ? 0.782   -11.742 0.087   1.00 30.32  ? 223 HOH A O   1 
HETATM 527 O  O   . HOH E 5 .  ? -11.948 -7.488  3.732   1.00 37.13  ? 224 HOH A O   1 
HETATM 528 O  O   . HOH E 5 .  ? -8.990  -8.908  6.905   1.00 35.48  ? 225 HOH A O   1 
HETATM 529 O  O   . HOH E 5 .  ? -0.456  -8.781  2.768   1.00 17.56  ? 226 HOH A O   1 
HETATM 530 O  O   . HOH E 5 .  ? 7.544   -8.629  -8.285  1.00 32.10  ? 227 HOH A O   1 
HETATM 531 O  O   . HOH E 5 .  ? -6.126  -7.470  4.508   1.00 27.03  ? 228 HOH A O   1 
HETATM 532 O  O   . HOH E 5 .  ? 8.088   7.020   -4.262  1.00 36.92  ? 229 HOH A O   1 
HETATM 533 O  O   . HOH E 5 .  ? -4.243  12.236  -1.700  1.00 35.94  ? 230 HOH A O   1 
HETATM 534 O  O   . HOH E 5 .  ? 7.280   -7.312  -3.281  1.00 18.21  ? 231 HOH A O   1 
HETATM 535 O  O   . HOH E 5 .  ? 0.105   18.758  1.850   1.00 32.44  ? 232 HOH A O   1 
HETATM 536 O  O   . HOH E 5 .  ? 5.632   -8.294  10.264  1.00 20.05  ? 233 HOH A O   1 
HETATM 537 O  O   . HOH E 5 .  ? 12.708  -5.135  -1.732  1.00 35.21  ? 234 HOH A O   1 
HETATM 538 O  O   . HOH E 5 .  ? 6.396   -18.672 -0.794  1.00 32.05  ? 235 HOH A O   1 
HETATM 539 O  O   . HOH E 5 .  ? -7.983  -7.915  1.731   1.00 25.92  ? 236 HOH A O   1 
HETATM 540 O  O   . HOH E 5 .  ? -3.996  9.749   -3.618  1.00 25.63  ? 237 HOH A O   1 
HETATM 541 O  O   . HOH E 5 .  ? -7.880  -4.439  9.117   1.00 33.86  ? 238 HOH A O   1 
HETATM 542 O  O   . HOH E 5 .  ? -3.382  6.743   -5.891  1.00 24.02  ? 239 HOH A O   1 
HETATM 543 O  O   . HOH E 5 .  ? -2.288  4.100   -11.877 1.00 42.91  ? 240 HOH A O   1 
HETATM 544 O  O   . HOH E 5 .  ? -8.748  -7.904  -4.815  1.00 23.92  ? 241 HOH A O   1 
HETATM 545 O  O   . HOH E 5 .  ? -8.789  -6.440  -7.613  1.00 27.20  ? 242 HOH A O   1 
HETATM 546 O  O   . HOH E 5 .  ? 4.644   -12.535 1.117   1.00 28.30  ? 243 HOH A O   1 
HETATM 547 O  O   . HOH E 5 .  ? -3.745  -0.631  8.916   1.00 18.11  ? 244 HOH A O   1 
HETATM 548 O  O   . HOH E 5 .  ? 9.340   -6.124  -4.664  1.00 24.04  ? 245 HOH A O   1 
HETATM 549 O  O   . HOH E 5 .  ? -12.313 -2.621  6.592   1.00 26.99  ? 246 HOH A O   1 
HETATM 550 O  O   . HOH E 5 .  ? -13.906 -2.647  -1.087  1.00 27.47  ? 247 HOH A O   1 
HETATM 551 O  O   . HOH E 5 .  ? -1.755  -11.561 1.565   1.00 40.18  ? 248 HOH A O   1 
HETATM 552 O  O   . HOH E 5 .  ? 3.069   6.936   -9.397  1.00 29.37  ? 249 HOH A O   1 
HETATM 553 O  O   . HOH E 5 .  ? -14.599 0.068   -0.589  1.00 31.86  ? 250 HOH A O   1 
HETATM 554 O  O   . HOH E 5 .  ? 1.163   -10.610 1.894   1.00 30.58  ? 251 HOH A O   1 
HETATM 555 O  O   . HOH E 5 .  ? 10.710  5.946   5.535   1.00 50.08  ? 252 HOH A O   1 
HETATM 556 O  O   . HOH E 5 .  ? -13.874 3.147   1.835   1.00 30.68  ? 253 HOH A O   1 
HETATM 557 O  O   . HOH E 5 .  ? -1.603  3.969   -13.808 1.00 35.54  ? 254 HOH A O   1 
HETATM 558 O  O   . HOH E 5 .  ? -7.106  -10.321 1.503   1.00 35.83  ? 255 HOH A O   1 
HETATM 559 O  O   . HOH E 5 .  ? -9.975  -6.542  -5.654  1.00 41.47  ? 256 HOH A O   1 
HETATM 560 O  O   . HOH E 5 .  ? -2.188  -8.784  5.332   1.00 37.55  ? 257 HOH A O   1 
HETATM 561 O  O   . HOH E 5 .  ? 4.979   7.149   -10.875 1.00 36.95  ? 258 HOH A O   1 
HETATM 562 O  O   . HOH E 5 .  ? -13.970 -5.686  3.138   1.00 45.94  ? 259 HOH A O   1 
HETATM 563 O  O   . HOH E 5 .  ? 5.549   -12.506 -11.645 1.00 39.36  ? 260 HOH A O   1 
HETATM 564 O  O   . HOH E 5 .  ? -2.321  -11.018 3.785   1.00 40.70  ? 261 HOH A O   1 
HETATM 565 O  O   . HOH E 5 .  ? 10.679  0.042   3.295   1.00 48.11  ? 262 HOH A O   1 
HETATM 566 O  O   . HOH E 5 .  ? -3.193  6.591   -8.799  1.00 38.94  ? 263 HOH A O   1 
HETATM 567 O  O   . HOH E 5 .  ? -15.978 1.893   -1.855  1.00 23.38  ? 264 HOH A O   1 
HETATM 568 O  O   . HOH E 5 .  ? -14.780 -4.448  0.696   1.00 34.87  ? 265 HOH A O   1 
HETATM 569 O  O   . HOH E 5 .  ? 6.940   9.336   -8.074  1.00 30.63  ? 266 HOH A O   1 
HETATM 570 O  O   . HOH E 5 .  ? -2.610  9.206   -5.621  1.00 36.51  ? 267 HOH A O   1 
# 
